data_6ON3
#
_entry.id   6ON3
#
_cell.length_a   99.830
_cell.length_b   40.720
_cell.length_c   128.430
_cell.angle_alpha   90.00
_cell.angle_beta   105.11
_cell.angle_gamma   90.00
#
_symmetry.space_group_name_H-M   'P 1 21 1'
#
loop_
_entity.id
_entity.type
_entity.pdbx_description
1 polymer 'L-DOPA extradiol dioxygenase'
2 non-polymer 2-AMINO-2-HYDROXYMETHYL-PROPANE-1,3-DIOL
3 non-polymer 3,4-DIHYDROXYPHENYLALANINE
4 non-polymer 'FE (II) ION'
5 water water
#
_entity_poly.entity_id   1
_entity_poly.type   'polypeptide(L)'
_entity_poly.pdbx_seq_one_letter_code
;GSMTREASPGASPEHAFRFHHIGVQTSDLENSLGWYREFFGCEQNWSLEKFSDLTRSRLPGITRLVELAAGDLRIHVFER
AADATPAPVAEVPQFQHLCLATRSPEEMTEWRDRWLELYESGRYTFVRDEGPTDIVVDEDGVLSLYVLDVNGLEYEFTYL
PEGVE
;
_entity_poly.pdbx_strand_id   A,B,C,D,E,F
#
# COMPACT_ATOMS: atom_id res chain seq x y z
N ALA A 16 14.91 -15.00 -6.94
CA ALA A 16 14.44 -13.67 -6.55
C ALA A 16 14.76 -13.39 -5.09
N PHE A 17 14.62 -14.42 -4.25
CA PHE A 17 14.95 -14.30 -2.83
C PHE A 17 15.31 -15.69 -2.32
N ARG A 18 15.78 -15.73 -1.07
CA ARG A 18 16.23 -16.97 -0.45
C ARG A 18 15.48 -17.15 0.86
N PHE A 19 14.88 -18.32 1.04
CA PHE A 19 14.23 -18.64 2.30
C PHE A 19 15.27 -18.64 3.42
N HIS A 20 15.04 -17.82 4.45
CA HIS A 20 16.01 -17.68 5.53
C HIS A 20 15.63 -18.51 6.75
N HIS A 21 14.46 -18.25 7.33
CA HIS A 21 14.09 -19.00 8.53
C HIS A 21 12.57 -18.99 8.70
N ILE A 22 12.09 -19.93 9.50
CA ILE A 22 10.70 -20.01 9.91
C ILE A 22 10.64 -19.70 11.40
N GLY A 23 9.54 -19.07 11.82
CA GLY A 23 9.38 -18.71 13.21
C GLY A 23 8.39 -19.59 13.93
N VAL A 24 8.82 -20.23 15.02
CA VAL A 24 7.99 -21.12 15.80
C VAL A 24 7.66 -20.43 17.11
N GLN A 25 6.37 -20.17 17.34
CA GLN A 25 5.90 -19.57 18.58
C GLN A 25 5.50 -20.67 19.54
N THR A 26 6.15 -20.71 20.70
CA THR A 26 5.93 -21.76 21.68
C THR A 26 5.59 -21.14 23.03
N SER A 27 4.98 -21.95 23.90
CA SER A 27 4.67 -21.55 25.27
C SER A 27 5.70 -22.05 26.28
N ASP A 28 6.51 -23.04 25.90
CA ASP A 28 7.60 -23.55 26.74
C ASP A 28 8.83 -23.63 25.86
N LEU A 29 9.64 -22.57 25.88
CA LEU A 29 10.79 -22.48 24.98
C LEU A 29 11.82 -23.54 25.30
N GLU A 30 12.14 -23.71 26.59
CA GLU A 30 13.13 -24.71 26.98
C GLU A 30 12.69 -26.12 26.62
N ASN A 31 11.38 -26.39 26.67
CA ASN A 31 10.88 -27.69 26.23
C ASN A 31 11.05 -27.88 24.75
N SER A 32 10.71 -26.87 23.94
CA SER A 32 10.89 -26.96 22.50
C SER A 32 12.36 -27.00 22.12
N LEU A 33 13.19 -26.20 22.79
CA LEU A 33 14.63 -26.21 22.50
C LEU A 33 15.23 -27.59 22.69
N GLY A 34 14.88 -28.25 23.80
CA GLY A 34 15.41 -29.57 24.07
C GLY A 34 14.97 -30.60 23.05
N TRP A 35 13.73 -30.50 22.59
CA TRP A 35 13.21 -31.47 21.61
C TRP A 35 13.76 -31.19 20.22
N TYR A 36 13.80 -29.92 19.81
CA TYR A 36 14.35 -29.59 18.49
C TYR A 36 15.82 -29.98 18.39
N ARG A 37 16.56 -29.93 19.50
CA ARG A 37 17.97 -30.30 19.45
C ARG A 37 18.14 -31.81 19.30
N GLU A 38 17.32 -32.60 20.02
CA GLU A 38 17.49 -34.04 19.99
C GLU A 38 16.88 -34.66 18.73
N PHE A 39 15.77 -34.11 18.25
CA PHE A 39 15.10 -34.69 17.10
C PHE A 39 15.78 -34.30 15.79
N PHE A 40 15.91 -33.01 15.53
CA PHE A 40 16.48 -32.53 14.28
C PHE A 40 18.00 -32.42 14.31
N GLY A 41 18.64 -32.61 15.46
CA GLY A 41 20.05 -32.34 15.57
C GLY A 41 20.38 -30.86 15.53
N CYS A 42 19.45 -30.03 16.01
CA CYS A 42 19.62 -28.58 15.93
C CYS A 42 20.73 -28.11 16.85
N GLU A 43 21.47 -27.09 16.39
CA GLU A 43 22.46 -26.40 17.19
C GLU A 43 22.08 -24.92 17.26
N GLN A 44 22.19 -24.34 18.44
CA GLN A 44 21.80 -22.95 18.64
C GLN A 44 22.86 -22.01 18.08
N ASN A 45 22.43 -21.08 17.23
CA ASN A 45 23.33 -20.07 16.66
C ASN A 45 23.46 -18.86 17.59
N TRP A 46 22.34 -18.23 17.92
CA TRP A 46 22.34 -17.07 18.79
C TRP A 46 21.02 -17.00 19.54
N SER A 47 20.95 -16.07 20.49
CA SER A 47 19.75 -15.85 21.27
C SER A 47 19.60 -14.36 21.55
N LEU A 48 18.43 -13.97 22.07
CA LEU A 48 18.16 -12.56 22.30
C LEU A 48 17.03 -12.42 23.32
N GLU A 49 17.16 -11.42 24.20
CA GLU A 49 16.13 -11.14 25.19
C GLU A 49 15.80 -9.66 25.29
N LYS A 50 16.40 -8.81 24.46
CA LYS A 50 16.05 -7.40 24.38
C LYS A 50 15.62 -7.11 22.95
N PHE A 51 14.40 -6.61 22.80
CA PHE A 51 13.75 -6.51 21.50
C PHE A 51 13.38 -5.07 21.18
N SER A 52 13.34 -4.77 19.88
CA SER A 52 12.93 -3.46 19.42
C SER A 52 11.43 -3.27 19.59
N ASP A 53 10.98 -2.04 19.34
CA ASP A 53 9.54 -1.75 19.42
C ASP A 53 8.76 -2.54 18.37
N LEU A 54 9.33 -2.69 17.17
CA LEU A 54 8.62 -3.43 16.13
C LEU A 54 8.40 -4.88 16.51
N THR A 55 9.43 -5.52 17.09
CA THR A 55 9.28 -6.91 17.51
C THR A 55 8.23 -7.05 18.61
N ARG A 56 8.24 -6.13 19.57
CA ARG A 56 7.27 -6.22 20.67
C ARG A 56 5.86 -5.90 20.20
N SER A 57 5.72 -5.10 19.14
CA SER A 57 4.39 -4.84 18.60
C SER A 57 3.85 -6.05 17.86
N ARG A 58 4.73 -6.76 17.15
CA ARG A 58 4.30 -7.95 16.41
C ARG A 58 3.99 -9.11 17.36
N LEU A 59 4.87 -9.33 18.35
CA LEU A 59 4.75 -10.44 19.29
C LEU A 59 4.69 -9.86 20.70
N PRO A 60 3.54 -9.35 21.13
CA PRO A 60 3.44 -8.78 22.47
C PRO A 60 3.75 -9.81 23.54
N GLY A 61 4.55 -9.41 24.52
CA GLY A 61 4.96 -10.29 25.59
C GLY A 61 6.11 -11.22 25.27
N ILE A 62 6.83 -10.98 24.16
CA ILE A 62 7.95 -11.83 23.81
C ILE A 62 9.04 -11.72 24.87
N THR A 63 9.61 -12.86 25.25
CA THR A 63 10.60 -12.94 26.31
C THR A 63 11.98 -13.34 25.80
N ARG A 64 12.06 -14.36 24.97
CA ARG A 64 13.35 -14.88 24.51
C ARG A 64 13.19 -15.42 23.10
N LEU A 65 14.21 -15.17 22.27
CA LEU A 65 14.22 -15.59 20.87
C LEU A 65 15.52 -16.31 20.59
N VAL A 66 15.43 -17.49 19.97
CA VAL A 66 16.60 -18.33 19.69
C VAL A 66 16.54 -18.80 18.25
N GLU A 67 17.66 -18.68 17.53
CA GLU A 67 17.79 -19.21 16.18
C GLU A 67 18.46 -20.58 16.23
N LEU A 68 17.75 -21.60 15.79
CA LEU A 68 18.28 -22.95 15.67
C LEU A 68 18.56 -23.26 14.21
N ALA A 69 19.61 -24.04 13.97
CA ALA A 69 20.01 -24.42 12.62
C ALA A 69 20.16 -25.92 12.54
N ALA A 70 19.57 -26.53 11.51
CA ALA A 70 19.73 -27.95 11.25
C ALA A 70 19.61 -28.14 9.74
N GLY A 71 20.74 -28.47 9.09
CA GLY A 71 20.75 -28.48 7.64
C GLY A 71 20.72 -27.07 7.09
N ASP A 72 20.01 -26.89 5.99
CA ASP A 72 19.85 -25.57 5.39
C ASP A 72 18.77 -24.75 6.08
N LEU A 73 18.10 -25.30 7.08
CA LEU A 73 16.92 -24.69 7.68
C LEU A 73 17.28 -23.98 8.97
N ARG A 74 16.91 -22.71 9.08
CA ARG A 74 16.99 -21.96 10.32
C ARG A 74 15.60 -21.85 10.94
N ILE A 75 15.54 -22.05 12.25
CA ILE A 75 14.27 -22.04 12.98
C ILE A 75 14.40 -21.07 14.14
N HIS A 76 13.55 -20.05 14.16
CA HIS A 76 13.54 -19.04 15.22
C HIS A 76 12.44 -19.38 16.20
N VAL A 77 12.80 -20.05 17.29
CA VAL A 77 11.86 -20.41 18.34
C VAL A 77 11.85 -19.29 19.38
N PHE A 78 10.65 -18.78 19.67
CA PHE A 78 10.50 -17.70 20.64
C PHE A 78 9.31 -17.99 21.53
N GLU A 79 9.33 -17.43 22.74
CA GLU A 79 8.29 -17.63 23.74
C GLU A 79 7.62 -16.31 24.07
N ARG A 80 6.30 -16.33 24.16
CA ARG A 80 5.51 -15.17 24.54
C ARG A 80 5.22 -15.22 26.04
N ALA A 81 4.16 -14.54 26.47
CA ALA A 81 3.68 -14.68 27.84
C ALA A 81 3.12 -16.09 28.02
N ALA A 82 3.85 -16.92 28.78
CA ALA A 82 3.50 -18.34 28.88
C ALA A 82 2.04 -18.53 29.29
N ASP A 83 1.68 -18.07 30.49
CA ASP A 83 0.31 -18.16 31.01
C ASP A 83 -0.09 -19.62 31.03
N ALA A 84 -1.07 -20.07 30.26
CA ALA A 84 -1.41 -21.48 30.20
C ALA A 84 -0.55 -22.19 29.17
N THR A 85 -1.13 -23.13 28.43
CA THR A 85 -0.44 -23.85 27.36
C THR A 85 -1.44 -24.09 26.24
N PRO A 86 -1.66 -23.10 25.40
CA PRO A 86 -2.65 -23.26 24.31
C PRO A 86 -2.19 -24.29 23.29
N ALA A 87 -3.14 -24.71 22.48
CA ALA A 87 -2.94 -25.72 21.45
C ALA A 87 -3.18 -25.11 20.07
N PRO A 88 -2.58 -25.69 19.02
CA PRO A 88 -2.81 -25.16 17.67
C PRO A 88 -4.27 -25.22 17.27
N VAL A 89 -4.67 -24.26 16.44
CA VAL A 89 -6.02 -24.16 15.90
C VAL A 89 -5.96 -24.55 14.43
N ALA A 90 -6.80 -25.51 14.02
CA ALA A 90 -6.69 -26.12 12.71
C ALA A 90 -7.54 -25.46 11.65
N GLU A 91 -8.73 -24.96 12.01
CA GLU A 91 -9.65 -24.36 11.04
C GLU A 91 -9.19 -23.01 10.52
N VAL A 92 -8.00 -22.57 10.88
CA VAL A 92 -7.61 -21.17 10.73
C VAL A 92 -6.59 -21.05 9.60
N PRO A 93 -6.62 -19.98 8.80
CA PRO A 93 -5.54 -19.75 7.85
C PRO A 93 -4.19 -19.73 8.55
N GLN A 94 -3.26 -20.55 8.08
CA GLN A 94 -2.03 -20.80 8.83
C GLN A 94 -1.00 -21.42 7.91
N PHE A 95 0.26 -21.30 8.31
CA PHE A 95 1.32 -22.14 7.77
C PHE A 95 1.12 -23.53 8.38
N GLN A 96 0.57 -24.46 7.60
CA GLN A 96 0.02 -25.69 8.17
C GLN A 96 1.12 -26.67 8.54
N HIS A 97 2.12 -26.87 7.68
CA HIS A 97 3.14 -27.86 7.95
C HIS A 97 4.43 -27.47 7.26
N LEU A 98 5.53 -28.01 7.78
CA LEU A 98 6.87 -27.81 7.24
C LEU A 98 7.39 -29.13 6.72
N CYS A 99 7.85 -29.15 5.46
CA CYS A 99 8.31 -30.38 4.83
C CYS A 99 9.82 -30.35 4.64
N LEU A 100 10.49 -31.42 5.05
CA LEU A 100 11.92 -31.61 4.88
C LEU A 100 12.16 -32.83 4.03
N ALA A 101 13.16 -32.76 3.16
CA ALA A 101 13.46 -33.83 2.22
C ALA A 101 14.62 -34.67 2.76
N THR A 102 14.46 -35.99 2.71
CA THR A 102 15.49 -36.92 3.15
C THR A 102 16.32 -37.40 1.96
N ARG A 103 17.49 -37.94 2.26
CA ARG A 103 18.42 -38.37 1.22
C ARG A 103 18.31 -39.85 0.88
N SER A 104 17.56 -40.63 1.65
CA SER A 104 17.49 -42.07 1.44
C SER A 104 16.17 -42.59 1.97
N PRO A 105 15.63 -43.66 1.38
CA PRO A 105 14.33 -44.17 1.85
C PRO A 105 14.36 -44.70 3.27
N GLU A 106 15.47 -45.31 3.70
CA GLU A 106 15.54 -45.82 5.06
C GLU A 106 15.56 -44.71 6.10
N GLU A 107 15.97 -43.50 5.71
CA GLU A 107 15.92 -42.37 6.64
C GLU A 107 14.49 -42.04 7.04
N MET A 108 13.52 -42.33 6.19
CA MET A 108 12.12 -42.11 6.52
C MET A 108 11.74 -42.92 7.77
N THR A 109 12.12 -44.19 7.81
CA THR A 109 11.88 -44.98 9.01
C THR A 109 12.77 -44.54 10.16
N GLU A 110 13.98 -44.07 9.86
CA GLU A 110 14.86 -43.57 10.92
C GLU A 110 14.26 -42.35 11.61
N TRP A 111 13.60 -41.48 10.84
CA TRP A 111 12.94 -40.32 11.43
C TRP A 111 11.73 -40.73 12.26
N ARG A 112 10.92 -41.64 11.74
CA ARG A 112 9.73 -42.10 12.47
C ARG A 112 10.12 -42.81 13.76
N ASP A 113 11.23 -43.56 13.74
CA ASP A 113 11.67 -44.27 14.93
C ASP A 113 12.21 -43.30 15.99
N ARG A 114 12.99 -42.30 15.56
CA ARG A 114 13.53 -41.34 16.52
C ARG A 114 12.44 -40.52 17.18
N TRP A 115 11.34 -40.27 16.47
CA TRP A 115 10.21 -39.56 17.08
C TRP A 115 9.59 -40.40 18.19
N LEU A 116 9.28 -41.67 17.90
CA LEU A 116 8.69 -42.54 18.91
C LEU A 116 9.62 -42.73 20.09
N GLU A 117 10.93 -42.76 19.87
CA GLU A 117 11.88 -42.90 20.97
C GLU A 117 11.87 -41.67 21.86
N LEU A 118 11.91 -40.48 21.26
CA LEU A 118 11.92 -39.25 22.04
C LEU A 118 10.59 -39.05 22.77
N TYR A 119 9.49 -39.46 22.16
CA TYR A 119 8.19 -39.35 22.82
C TYR A 119 8.10 -40.31 24.00
N GLU A 120 8.49 -41.56 23.80
CA GLU A 120 8.38 -42.57 24.84
C GLU A 120 9.37 -42.36 25.98
N SER A 121 10.40 -41.53 25.76
CA SER A 121 11.37 -41.28 26.81
C SER A 121 10.77 -40.51 27.98
N GLY A 122 9.68 -39.79 27.74
CA GLY A 122 9.08 -38.98 28.79
C GLY A 122 9.83 -37.73 29.15
N ARG A 123 10.88 -37.38 28.39
CA ARG A 123 11.72 -36.24 28.71
C ARG A 123 11.15 -34.92 28.18
N TYR A 124 10.07 -34.94 27.42
CA TYR A 124 9.53 -33.73 26.81
C TYR A 124 8.01 -33.71 26.95
N THR A 125 7.46 -32.50 27.01
CA THR A 125 6.03 -32.28 27.11
C THR A 125 5.45 -32.05 25.73
N PHE A 126 4.35 -32.73 25.42
CA PHE A 126 3.71 -32.66 24.11
C PHE A 126 2.32 -32.07 24.24
N VAL A 127 1.99 -31.15 23.33
CA VAL A 127 0.66 -30.57 23.30
C VAL A 127 -0.36 -31.59 22.81
N ARG A 128 0.06 -32.49 21.91
CA ARG A 128 -0.80 -33.52 21.37
C ARG A 128 -0.31 -34.90 21.80
N ASP A 129 -1.24 -35.86 21.75
CA ASP A 129 -0.96 -37.28 21.96
C ASP A 129 -0.84 -38.04 20.65
N GLU A 130 -1.02 -37.37 19.52
CA GLU A 130 -1.08 -38.03 18.23
C GLU A 130 0.30 -38.51 17.81
N GLY A 131 0.41 -39.82 17.52
CA GLY A 131 1.66 -40.37 17.05
C GLY A 131 1.89 -40.06 15.59
N PRO A 132 3.03 -40.52 15.07
CA PRO A 132 3.34 -40.31 13.66
C PRO A 132 2.44 -41.15 12.77
N THR A 133 2.23 -40.66 11.56
CA THR A 133 1.48 -41.42 10.58
C THR A 133 2.33 -42.57 10.04
N ASP A 134 1.71 -43.40 9.21
CA ASP A 134 2.47 -44.39 8.47
C ASP A 134 3.18 -43.74 7.29
N ILE A 135 4.25 -44.38 6.83
CA ILE A 135 4.94 -43.93 5.64
C ILE A 135 4.14 -44.38 4.41
N VAL A 136 3.68 -43.41 3.63
CA VAL A 136 2.82 -43.69 2.49
C VAL A 136 3.56 -43.37 1.19
N VAL A 137 3.07 -43.97 0.10
CA VAL A 137 3.64 -43.80 -1.23
C VAL A 137 2.59 -43.22 -2.14
N ASP A 138 3.01 -42.35 -3.06
CA ASP A 138 2.11 -41.72 -4.01
C ASP A 138 2.32 -42.33 -5.40
N GLU A 139 1.66 -41.75 -6.40
CA GLU A 139 1.70 -42.31 -7.75
C GLU A 139 3.11 -42.31 -8.34
N ASP A 140 3.99 -41.42 -7.89
CA ASP A 140 5.34 -41.30 -8.43
C ASP A 140 6.40 -41.96 -7.56
N GLY A 141 6.00 -42.59 -6.46
CA GLY A 141 6.95 -43.19 -5.54
C GLY A 141 7.43 -42.28 -4.43
N VAL A 142 6.83 -41.11 -4.26
CA VAL A 142 7.25 -40.19 -3.21
C VAL A 142 6.77 -40.72 -1.86
N LEU A 143 7.70 -40.83 -0.91
CA LEU A 143 7.37 -41.24 0.44
C LEU A 143 7.05 -40.03 1.29
N SER A 144 6.07 -40.17 2.18
CA SER A 144 5.64 -39.09 3.05
C SER A 144 5.47 -39.59 4.48
N LEU A 145 5.66 -38.69 5.43
CA LEU A 145 5.60 -39.01 6.86
C LEU A 145 5.28 -37.73 7.61
N TYR A 146 4.24 -37.75 8.43
CA TYR A 146 3.78 -36.57 9.15
C TYR A 146 3.93 -36.81 10.65
N VAL A 147 4.69 -35.93 11.31
CA VAL A 147 4.86 -35.97 12.76
C VAL A 147 4.53 -34.60 13.33
N LEU A 148 4.28 -34.57 14.64
CA LEU A 148 3.98 -33.35 15.35
C LEU A 148 5.11 -33.04 16.32
N ASP A 149 5.44 -31.75 16.44
CA ASP A 149 6.45 -31.33 17.40
C ASP A 149 5.82 -31.18 18.78
N VAL A 150 6.64 -30.75 19.75
CA VAL A 150 6.15 -30.59 21.11
C VAL A 150 5.12 -29.48 21.25
N ASN A 151 4.95 -28.66 20.22
CA ASN A 151 3.94 -27.61 20.21
C ASN A 151 2.68 -27.99 19.44
N GLY A 152 2.60 -29.22 18.94
CA GLY A 152 1.48 -29.66 18.14
C GLY A 152 1.55 -29.25 16.68
N LEU A 153 2.67 -28.69 16.24
CA LEU A 153 2.84 -28.26 14.86
C LEU A 153 3.30 -29.43 14.00
N GLU A 154 2.76 -29.51 12.78
CA GLU A 154 2.97 -30.67 11.93
C GLU A 154 4.21 -30.48 11.07
N TYR A 155 5.07 -31.51 11.04
CA TYR A 155 6.22 -31.59 10.16
C TYR A 155 6.04 -32.78 9.23
N GLU A 156 6.45 -32.61 7.97
CA GLU A 156 6.44 -33.70 7.01
C GLU A 156 7.86 -34.03 6.57
N PHE A 157 8.16 -35.32 6.53
CA PHE A 157 9.40 -35.82 5.94
C PHE A 157 9.05 -36.48 4.61
N THR A 158 9.83 -36.17 3.58
CA THR A 158 9.56 -36.68 2.25
C THR A 158 10.83 -37.28 1.65
N TYR A 159 10.65 -38.22 0.74
CA TYR A 159 11.74 -38.76 -0.07
C TYR A 159 11.30 -38.75 -1.52
N LEU A 160 12.10 -38.10 -2.36
CA LEU A 160 11.79 -38.01 -3.78
C LEU A 160 12.74 -38.90 -4.55
N PRO A 161 12.26 -39.97 -5.18
CA PRO A 161 13.16 -40.83 -5.98
C PRO A 161 13.76 -40.12 -7.17
N GLU A 162 13.11 -39.07 -7.69
CA GLU A 162 13.63 -38.32 -8.84
C GLU A 162 13.99 -36.90 -8.44
N HIS B 15 24.45 -31.94 4.60
CA HIS B 15 23.21 -31.70 5.33
C HIS B 15 22.38 -32.97 5.44
N ALA B 16 21.90 -33.27 6.65
CA ALA B 16 21.10 -34.47 6.87
C ALA B 16 19.78 -34.38 6.11
N PHE B 17 19.15 -33.21 6.10
CA PHE B 17 17.91 -33.00 5.38
C PHE B 17 17.90 -31.58 4.83
N ARG B 18 17.03 -31.36 3.85
CA ARG B 18 16.88 -30.06 3.20
C ARG B 18 15.42 -29.65 3.22
N PHE B 19 15.17 -28.36 3.47
CA PHE B 19 13.82 -27.84 3.41
C PHE B 19 13.24 -28.01 2.02
N HIS B 20 12.06 -28.63 1.94
CA HIS B 20 11.41 -28.87 0.65
C HIS B 20 10.34 -27.84 0.35
N HIS B 21 9.34 -27.71 1.22
CA HIS B 21 8.24 -26.80 0.96
C HIS B 21 7.50 -26.53 2.27
N ILE B 22 6.63 -25.54 2.24
CA ILE B 22 5.76 -25.19 3.36
C ILE B 22 4.32 -25.15 2.87
N GLY B 23 3.40 -25.71 3.67
CA GLY B 23 2.00 -25.75 3.30
C GLY B 23 1.23 -24.59 3.86
N VAL B 24 0.51 -23.89 2.99
CA VAL B 24 -0.30 -22.73 3.36
C VAL B 24 -1.76 -23.11 3.19
N GLN B 25 -2.53 -22.98 4.27
CA GLN B 25 -3.97 -23.23 4.25
C GLN B 25 -4.71 -21.91 4.08
N THR B 26 -5.62 -21.87 3.11
CA THR B 26 -6.36 -20.66 2.79
C THR B 26 -7.84 -20.97 2.67
N SER B 27 -8.66 -19.93 2.80
CA SER B 27 -10.10 -20.03 2.60
C SER B 27 -10.53 -19.64 1.19
N ASP B 28 -9.67 -18.97 0.43
CA ASP B 28 -9.96 -18.56 -0.94
C ASP B 28 -8.74 -18.90 -1.80
N LEU B 29 -8.78 -20.06 -2.47
CA LEU B 29 -7.63 -20.51 -3.24
C LEU B 29 -7.35 -19.59 -4.42
N GLU B 30 -8.39 -19.17 -5.15
CA GLU B 30 -8.19 -18.28 -6.28
C GLU B 30 -7.53 -16.97 -5.85
N ASN B 31 -7.95 -16.42 -4.71
CA ASN B 31 -7.38 -15.17 -4.24
C ASN B 31 -5.92 -15.33 -3.86
N SER B 32 -5.57 -16.44 -3.18
CA SER B 32 -4.19 -16.67 -2.78
C SER B 32 -3.30 -16.97 -3.98
N LEU B 33 -3.81 -17.76 -4.94
CA LEU B 33 -3.01 -18.09 -6.12
C LEU B 33 -2.66 -16.85 -6.92
N GLY B 34 -3.59 -15.91 -7.03
CA GLY B 34 -3.30 -14.68 -7.75
C GLY B 34 -2.31 -13.79 -7.02
N TRP B 35 -2.50 -13.62 -5.71
CA TRP B 35 -1.64 -12.71 -4.95
C TRP B 35 -0.22 -13.26 -4.83
N TYR B 36 -0.09 -14.57 -4.56
CA TYR B 36 1.23 -15.16 -4.43
C TYR B 36 2.01 -15.09 -5.74
N ARG B 37 1.35 -15.37 -6.86
CA ARG B 37 2.01 -15.27 -8.15
C ARG B 37 2.42 -13.83 -8.45
N GLU B 38 1.53 -12.86 -8.13
CA GLU B 38 1.84 -11.45 -8.37
C GLU B 38 2.96 -10.96 -7.46
N PHE B 39 2.83 -11.21 -6.15
CA PHE B 39 3.75 -10.61 -5.19
C PHE B 39 5.11 -11.29 -5.22
N PHE B 40 5.15 -12.62 -5.10
CA PHE B 40 6.41 -13.34 -5.01
C PHE B 40 6.98 -13.73 -6.36
N GLY B 41 6.24 -13.53 -7.45
CA GLY B 41 6.68 -14.01 -8.75
C GLY B 41 6.65 -15.53 -8.85
N CYS B 42 5.64 -16.16 -8.26
CA CYS B 42 5.57 -17.61 -8.21
C CYS B 42 5.13 -18.18 -9.55
N GLU B 43 5.43 -19.46 -9.75
CA GLU B 43 4.90 -20.23 -10.87
C GLU B 43 4.14 -21.44 -10.33
N GLN B 44 3.18 -21.91 -11.13
CA GLN B 44 2.37 -23.07 -10.79
C GLN B 44 2.99 -24.30 -11.43
N ASN B 45 3.53 -25.19 -10.61
CA ASN B 45 4.14 -26.41 -11.13
C ASN B 45 3.12 -27.51 -11.37
N TRP B 46 2.18 -27.70 -10.45
CA TRP B 46 1.15 -28.72 -10.62
C TRP B 46 0.00 -28.44 -9.66
N SER B 47 -1.17 -28.97 -10.01
CA SER B 47 -2.37 -28.83 -9.21
C SER B 47 -2.94 -30.22 -8.92
N LEU B 48 -3.59 -30.35 -7.77
CA LEU B 48 -4.07 -31.64 -7.32
C LEU B 48 -5.47 -31.50 -6.73
N GLU B 49 -6.36 -32.43 -7.11
CA GLU B 49 -7.70 -32.47 -6.59
C GLU B 49 -8.14 -33.86 -6.13
N LYS B 50 -7.30 -34.88 -6.32
CA LYS B 50 -7.53 -36.20 -5.77
C LYS B 50 -6.58 -36.40 -4.58
N PHE B 51 -7.12 -36.93 -3.48
CA PHE B 51 -6.37 -37.01 -2.23
C PHE B 51 -6.49 -38.40 -1.62
N SER B 52 -5.43 -38.84 -0.96
CA SER B 52 -5.38 -40.16 -0.36
C SER B 52 -6.19 -40.17 0.94
N ASP B 53 -6.34 -41.38 1.50
CA ASP B 53 -7.08 -41.51 2.76
C ASP B 53 -6.43 -40.74 3.89
N LEU B 54 -5.09 -40.63 3.88
CA LEU B 54 -4.39 -39.94 4.95
C LEU B 54 -4.56 -38.43 4.85
N THR B 55 -4.59 -37.88 3.64
CA THR B 55 -4.73 -36.45 3.47
C THR B 55 -6.09 -35.96 3.94
N ARG B 56 -7.16 -36.64 3.52
CA ARG B 56 -8.50 -36.27 3.98
C ARG B 56 -8.65 -36.48 5.48
N SER B 57 -7.86 -37.37 6.07
CA SER B 57 -7.86 -37.51 7.53
C SER B 57 -7.11 -36.35 8.19
N ARG B 58 -5.98 -35.94 7.62
CA ARG B 58 -5.22 -34.83 8.18
C ARG B 58 -5.91 -33.50 7.93
N LEU B 59 -6.42 -33.29 6.71
CA LEU B 59 -7.05 -32.04 6.31
C LEU B 59 -8.48 -32.33 5.84
N PRO B 60 -9.41 -32.55 6.77
CA PRO B 60 -10.78 -32.87 6.38
C PRO B 60 -11.44 -31.72 5.62
N GLY B 61 -11.85 -32.01 4.39
CA GLY B 61 -12.49 -31.02 3.55
C GLY B 61 -11.60 -30.37 2.51
N ILE B 62 -10.38 -30.86 2.32
CA ILE B 62 -9.48 -30.29 1.34
C ILE B 62 -10.04 -30.54 -0.05
N THR B 63 -10.09 -29.49 -0.88
CA THR B 63 -10.68 -29.59 -2.21
C THR B 63 -9.67 -29.42 -3.33
N ARG B 64 -8.56 -28.73 -3.10
CA ARG B 64 -7.54 -28.54 -4.13
C ARG B 64 -6.24 -28.11 -3.47
N LEU B 65 -5.13 -28.58 -4.03
CA LEU B 65 -3.79 -28.21 -3.58
C LEU B 65 -2.95 -27.86 -4.80
N VAL B 66 -2.25 -26.74 -4.75
CA VAL B 66 -1.41 -26.25 -5.84
C VAL B 66 -0.02 -25.97 -5.31
N GLU B 67 1.00 -26.44 -6.03
CA GLU B 67 2.38 -26.17 -5.66
C GLU B 67 2.85 -24.91 -6.36
N LEU B 68 3.32 -23.93 -5.58
CA LEU B 68 3.90 -22.70 -6.10
C LEU B 68 5.41 -22.73 -5.89
N ALA B 69 6.14 -22.11 -6.80
CA ALA B 69 7.60 -22.09 -6.76
C ALA B 69 8.09 -20.68 -7.01
N ALA B 70 8.88 -20.15 -6.08
CA ALA B 70 9.52 -18.84 -6.21
C ALA B 70 10.98 -19.03 -5.82
N GLY B 71 11.80 -19.40 -6.79
CA GLY B 71 13.21 -19.64 -6.50
C GLY B 71 13.37 -20.91 -5.69
N ASP B 72 14.11 -20.80 -4.59
CA ASP B 72 14.37 -21.96 -3.74
C ASP B 72 13.16 -22.33 -2.87
N LEU B 73 12.20 -21.42 -2.73
CA LEU B 73 11.05 -21.63 -1.86
C LEU B 73 9.88 -22.21 -2.65
N ARG B 74 9.37 -23.35 -2.18
CA ARG B 74 8.18 -23.97 -2.74
C ARG B 74 7.05 -23.89 -1.73
N ILE B 75 5.86 -23.51 -2.21
CA ILE B 75 4.70 -23.30 -1.36
C ILE B 75 3.56 -24.18 -1.87
N HIS B 76 2.95 -24.93 -0.96
CA HIS B 76 1.80 -25.79 -1.27
C HIS B 76 0.56 -25.14 -0.67
N VAL B 77 -0.15 -24.37 -1.50
CA VAL B 77 -1.37 -23.69 -1.07
C VAL B 77 -2.55 -24.62 -1.30
N PHE B 78 -3.40 -24.77 -0.29
CA PHE B 78 -4.57 -25.61 -0.40
C PHE B 78 -5.76 -24.96 0.30
N GLU B 79 -6.95 -25.33 -0.17
CA GLU B 79 -8.21 -24.81 0.36
C GLU B 79 -8.99 -25.95 1.02
N ARG B 80 -9.70 -25.63 2.11
CA ARG B 80 -10.42 -26.63 2.87
C ARG B 80 -11.90 -26.33 2.80
N ALA B 81 -12.50 -25.78 3.87
CA ALA B 81 -13.95 -25.67 3.96
C ALA B 81 -14.47 -24.47 3.18
N ALA B 82 -13.97 -23.27 3.51
CA ALA B 82 -14.40 -22.01 2.91
C ALA B 82 -15.87 -21.69 3.18
N ASP B 83 -16.49 -22.33 4.17
CA ASP B 83 -17.83 -21.94 4.58
C ASP B 83 -17.80 -20.59 5.31
N ALA B 84 -16.88 -20.46 6.26
CA ALA B 84 -16.57 -19.19 6.91
C ALA B 84 -15.19 -18.74 6.45
N THR B 85 -14.85 -17.49 6.78
CA THR B 85 -13.55 -16.91 6.46
C THR B 85 -12.88 -16.44 7.75
N PRO B 86 -12.41 -17.37 8.58
CA PRO B 86 -11.80 -16.97 9.86
C PRO B 86 -10.45 -16.31 9.66
N ALA B 87 -10.02 -15.60 10.71
CA ALA B 87 -8.76 -14.89 10.72
C ALA B 87 -7.75 -15.60 11.60
N PRO B 88 -6.46 -15.53 11.27
CA PRO B 88 -5.45 -16.25 12.07
C PRO B 88 -5.47 -15.84 13.53
N VAL B 89 -5.12 -16.80 14.39
CA VAL B 89 -5.05 -16.61 15.84
C VAL B 89 -3.59 -16.41 16.23
N ALA B 90 -3.34 -15.46 17.13
CA ALA B 90 -1.99 -15.03 17.48
C ALA B 90 -1.47 -15.66 18.77
N GLU B 91 -2.33 -15.86 19.76
CA GLU B 91 -1.91 -16.39 21.06
C GLU B 91 -1.67 -17.90 21.05
N VAL B 92 -1.72 -18.52 19.88
CA VAL B 92 -1.74 -19.98 19.76
C VAL B 92 -0.41 -20.44 19.17
N PRO B 93 0.15 -21.57 19.64
CA PRO B 93 1.39 -22.08 19.02
C PRO B 93 1.22 -22.29 17.53
N GLN B 94 2.22 -21.86 16.76
CA GLN B 94 2.06 -21.81 15.32
C GLN B 94 3.42 -21.57 14.67
N PHE B 95 3.50 -21.90 13.38
CA PHE B 95 4.54 -21.36 12.53
C PHE B 95 4.20 -19.89 12.29
N GLN B 96 4.74 -19.00 13.11
CA GLN B 96 4.19 -17.64 13.23
C GLN B 96 4.42 -16.82 11.96
N HIS B 97 5.59 -16.96 11.34
CA HIS B 97 5.91 -16.15 10.18
C HIS B 97 6.97 -16.86 9.36
N LEU B 98 7.13 -16.39 8.13
CA LEU B 98 8.12 -16.93 7.19
C LEU B 98 9.02 -15.79 6.73
N CYS B 99 10.32 -15.97 6.89
CA CYS B 99 11.28 -14.92 6.57
C CYS B 99 12.01 -15.22 5.26
N LEU B 100 12.19 -14.17 4.45
CA LEU B 100 12.89 -14.27 3.18
C LEU B 100 14.01 -13.24 3.15
N ALA B 101 15.22 -13.68 2.80
CA ALA B 101 16.38 -12.79 2.77
C ALA B 101 16.48 -12.12 1.41
N THR B 102 16.58 -10.79 1.41
CA THR B 102 16.79 -10.03 0.19
C THR B 102 18.29 -9.96 -0.11
N ARG B 103 18.63 -9.26 -1.19
CA ARG B 103 20.01 -9.21 -1.66
C ARG B 103 20.63 -7.82 -1.56
N SER B 104 19.84 -6.77 -1.36
CA SER B 104 20.35 -5.42 -1.23
C SER B 104 19.36 -4.61 -0.41
N PRO B 105 19.81 -3.54 0.26
CA PRO B 105 18.86 -2.68 0.99
C PRO B 105 17.82 -2.05 0.10
N GLU B 106 18.13 -1.86 -1.19
CA GLU B 106 17.17 -1.26 -2.11
C GLU B 106 15.95 -2.15 -2.32
N GLU B 107 16.16 -3.48 -2.34
CA GLU B 107 15.03 -4.39 -2.52
C GLU B 107 14.06 -4.36 -1.35
N MET B 108 14.54 -3.96 -0.16
CA MET B 108 13.64 -3.84 0.99
C MET B 108 12.56 -2.80 0.73
N THR B 109 12.96 -1.63 0.21
CA THR B 109 11.98 -0.64 -0.20
C THR B 109 11.13 -1.14 -1.36
N GLU B 110 11.71 -1.96 -2.23
CA GLU B 110 10.96 -2.51 -3.35
C GLU B 110 9.86 -3.45 -2.86
N TRP B 111 10.16 -4.32 -1.91
CA TRP B 111 9.15 -5.24 -1.40
C TRP B 111 8.02 -4.50 -0.70
N ARG B 112 8.35 -3.49 0.11
CA ARG B 112 7.31 -2.73 0.80
C ARG B 112 6.45 -1.95 -0.18
N ASP B 113 7.08 -1.37 -1.22
CA ASP B 113 6.33 -0.63 -2.23
C ASP B 113 5.39 -1.55 -3.00
N ARG B 114 5.85 -2.75 -3.36
CA ARG B 114 5.04 -3.64 -4.18
C ARG B 114 3.89 -4.24 -3.38
N TRP B 115 4.07 -4.43 -2.06
CA TRP B 115 2.94 -4.86 -1.24
C TRP B 115 1.84 -3.81 -1.24
N LEU B 116 2.20 -2.55 -1.03
CA LEU B 116 1.21 -1.48 -1.05
C LEU B 116 0.54 -1.39 -2.42
N GLU B 117 1.32 -1.49 -3.50
CA GLU B 117 0.76 -1.41 -4.84
C GLU B 117 -0.27 -2.50 -5.06
N LEU B 118 0.03 -3.74 -4.65
CA LEU B 118 -0.93 -4.83 -4.83
C LEU B 118 -2.13 -4.69 -3.90
N TYR B 119 -1.93 -4.09 -2.73
CA TYR B 119 -3.03 -3.96 -1.77
C TYR B 119 -4.08 -2.98 -2.26
N GLU B 120 -3.66 -1.76 -2.61
CA GLU B 120 -4.60 -0.74 -3.04
C GLU B 120 -4.95 -0.82 -4.52
N SER B 121 -4.55 -1.90 -5.21
CA SER B 121 -4.95 -2.12 -6.58
C SER B 121 -6.36 -2.71 -6.69
N GLY B 122 -6.92 -3.21 -5.59
CA GLY B 122 -8.26 -3.75 -5.61
C GLY B 122 -8.41 -5.10 -6.27
N ARG B 123 -7.31 -5.75 -6.66
CA ARG B 123 -7.39 -7.04 -7.32
C ARG B 123 -7.53 -8.20 -6.34
N TYR B 124 -7.47 -7.94 -5.03
CA TYR B 124 -7.38 -8.98 -4.01
C TYR B 124 -8.20 -8.57 -2.79
N THR B 125 -8.64 -9.58 -2.05
CA THR B 125 -9.28 -9.38 -0.76
C THR B 125 -8.31 -9.84 0.34
N PHE B 126 -8.14 -9.01 1.35
CA PHE B 126 -7.21 -9.26 2.44
C PHE B 126 -7.99 -9.56 3.71
N VAL B 127 -7.57 -10.62 4.43
CA VAL B 127 -8.20 -10.96 5.69
C VAL B 127 -8.05 -9.81 6.68
N ARG B 128 -6.87 -9.21 6.76
CA ARG B 128 -6.62 -8.06 7.61
C ARG B 128 -6.21 -6.86 6.76
N ASP B 129 -6.53 -5.67 7.25
CA ASP B 129 -6.23 -4.43 6.55
C ASP B 129 -4.94 -3.78 7.03
N GLU B 130 -4.18 -4.47 7.88
CA GLU B 130 -2.93 -3.92 8.39
C GLU B 130 -1.91 -3.80 7.28
N GLY B 131 -1.38 -2.59 7.08
CA GLY B 131 -0.38 -2.37 6.07
C GLY B 131 0.98 -2.88 6.50
N PRO B 132 1.98 -2.67 5.65
CA PRO B 132 3.32 -3.17 5.98
C PRO B 132 3.97 -2.33 7.06
N THR B 133 4.86 -2.97 7.81
CA THR B 133 5.63 -2.23 8.80
C THR B 133 6.65 -1.33 8.10
N ASP B 134 7.31 -0.49 8.88
CA ASP B 134 8.43 0.25 8.35
C ASP B 134 9.65 -0.65 8.25
N ILE B 135 10.65 -0.18 7.50
CA ILE B 135 11.93 -0.87 7.41
C ILE B 135 12.79 -0.40 8.58
N VAL B 136 13.16 -1.34 9.45
CA VAL B 136 13.80 -1.04 10.72
C VAL B 136 15.22 -1.59 10.70
N VAL B 137 16.17 -0.79 11.20
CA VAL B 137 17.57 -1.20 11.33
C VAL B 137 17.84 -1.53 12.79
N ASP B 138 18.53 -2.65 13.01
CA ASP B 138 19.06 -2.96 14.34
C ASP B 138 20.48 -2.40 14.42
N GLU B 139 21.18 -2.67 15.53
CA GLU B 139 22.51 -2.11 15.73
C GLU B 139 23.55 -2.76 14.83
N ASP B 140 23.26 -3.90 14.22
CA ASP B 140 24.21 -4.62 13.39
C ASP B 140 23.95 -4.41 11.90
N GLY B 141 23.08 -3.47 11.54
CA GLY B 141 22.81 -3.16 10.15
C GLY B 141 21.72 -3.99 9.50
N VAL B 142 21.11 -4.91 10.23
CA VAL B 142 20.06 -5.76 9.66
C VAL B 142 18.80 -4.94 9.44
N LEU B 143 18.20 -5.08 8.26
CA LEU B 143 16.94 -4.44 7.94
C LEU B 143 15.80 -5.43 8.15
N SER B 144 14.67 -4.93 8.64
CA SER B 144 13.52 -5.77 8.93
C SER B 144 12.27 -5.17 8.30
N LEU B 145 11.46 -6.02 7.69
CA LEU B 145 10.23 -5.62 7.03
C LEU B 145 9.23 -6.76 7.16
N TYR B 146 8.02 -6.44 7.60
CA TYR B 146 6.99 -7.44 7.82
C TYR B 146 5.72 -7.07 7.07
N VAL B 147 5.15 -8.02 6.35
CA VAL B 147 3.92 -7.83 5.61
C VAL B 147 3.00 -9.01 5.88
N LEU B 148 1.74 -8.85 5.52
CA LEU B 148 0.74 -9.91 5.63
C LEU B 148 0.28 -10.34 4.25
N ASP B 149 0.11 -11.65 4.07
CA ASP B 149 -0.47 -12.16 2.84
C ASP B 149 -1.97 -11.94 2.85
N VAL B 150 -2.66 -12.42 1.82
CA VAL B 150 -4.10 -12.26 1.74
C VAL B 150 -4.86 -13.06 2.80
N ASN B 151 -4.18 -13.97 3.49
CA ASN B 151 -4.80 -14.76 4.55
C ASN B 151 -4.46 -14.25 5.94
N GLY B 152 -3.77 -13.12 6.05
CA GLY B 152 -3.36 -12.62 7.34
C GLY B 152 -2.14 -13.29 7.92
N LEU B 153 -1.38 -14.01 7.11
CA LEU B 153 -0.15 -14.67 7.57
C LEU B 153 1.03 -13.76 7.33
N GLU B 154 1.96 -13.77 8.29
CA GLU B 154 3.05 -12.79 8.31
C GLU B 154 4.25 -13.28 7.52
N TYR B 155 4.78 -12.42 6.66
CA TYR B 155 6.00 -12.67 5.92
C TYR B 155 7.03 -11.61 6.31
N GLU B 156 8.25 -12.04 6.59
CA GLU B 156 9.33 -11.13 6.94
C GLU B 156 10.30 -11.02 5.77
N PHE B 157 10.61 -9.81 5.38
CA PHE B 157 11.68 -9.52 4.42
C PHE B 157 12.83 -8.87 5.18
N THR B 158 14.03 -9.42 5.00
CA THR B 158 15.19 -8.95 5.74
C THR B 158 16.38 -8.84 4.79
N TYR B 159 17.37 -8.05 5.22
CA TYR B 159 18.65 -7.95 4.54
C TYR B 159 19.74 -8.13 5.60
N LEU B 160 20.45 -9.24 5.53
CA LEU B 160 21.55 -9.50 6.45
C LEU B 160 22.85 -9.03 5.82
N PRO B 161 23.51 -7.99 6.36
CA PRO B 161 24.89 -7.73 5.95
C PRO B 161 25.77 -8.91 6.32
N GLU B 162 25.65 -10.00 5.56
CA GLU B 162 26.24 -11.29 5.91
C GLU B 162 27.76 -11.22 5.99
N HIS C 15 2.80 -1.23 -29.48
CA HIS C 15 1.51 -1.76 -29.03
C HIS C 15 1.36 -3.23 -29.40
N ALA C 16 0.95 -4.04 -28.43
CA ALA C 16 0.76 -5.47 -28.68
C ALA C 16 -0.39 -5.72 -29.63
N PHE C 17 -1.49 -4.99 -29.48
CA PHE C 17 -2.64 -5.14 -30.35
C PHE C 17 -3.37 -3.81 -30.44
N ARG C 18 -4.38 -3.77 -31.30
CA ARG C 18 -5.09 -2.53 -31.60
C ARG C 18 -6.56 -2.83 -31.80
N PHE C 19 -7.42 -1.96 -31.25
CA PHE C 19 -8.85 -2.08 -31.46
C PHE C 19 -9.17 -2.06 -32.95
N HIS C 20 -9.98 -3.03 -33.39
CA HIS C 20 -10.38 -3.12 -34.79
C HIS C 20 -11.85 -2.77 -34.98
N HIS C 21 -12.77 -3.54 -34.39
CA HIS C 21 -14.18 -3.27 -34.56
C HIS C 21 -14.96 -3.79 -33.36
N ILE C 22 -16.21 -3.37 -33.27
CA ILE C 22 -17.12 -3.76 -32.20
C ILE C 22 -18.42 -4.24 -32.84
N GLY C 23 -18.93 -5.37 -32.37
CA GLY C 23 -20.15 -5.95 -32.91
C GLY C 23 -21.36 -5.45 -32.16
N VAL C 24 -22.34 -4.95 -32.90
CA VAL C 24 -23.59 -4.46 -32.33
C VAL C 24 -24.71 -5.34 -32.85
N GLN C 25 -25.42 -5.99 -31.93
CA GLN C 25 -26.55 -6.84 -32.28
C GLN C 25 -27.84 -6.04 -32.15
N THR C 26 -28.70 -6.13 -33.17
CA THR C 26 -29.94 -5.36 -33.21
C THR C 26 -31.08 -6.25 -33.66
N SER C 27 -32.30 -5.83 -33.32
CA SER C 27 -33.51 -6.49 -33.79
C SER C 27 -34.05 -5.90 -35.07
N ASP C 28 -33.55 -4.73 -35.49
CA ASP C 28 -33.96 -4.08 -36.73
C ASP C 28 -32.70 -3.53 -37.39
N LEU C 29 -32.21 -4.23 -38.42
CA LEU C 29 -30.95 -3.85 -39.04
C LEU C 29 -31.08 -2.57 -39.86
N GLU C 30 -32.19 -2.40 -40.58
CA GLU C 30 -32.35 -1.22 -41.42
C GLU C 30 -32.51 0.04 -40.59
N ASN C 31 -33.22 -0.05 -39.46
CA ASN C 31 -33.38 1.12 -38.59
C ASN C 31 -32.06 1.54 -37.99
N SER C 32 -31.23 0.56 -37.58
CA SER C 32 -29.95 0.90 -36.98
C SER C 32 -28.96 1.43 -38.01
N LEU C 33 -28.90 0.78 -39.18
CA LEU C 33 -27.95 1.21 -40.21
C LEU C 33 -28.25 2.62 -40.69
N GLY C 34 -29.52 2.99 -40.73
CA GLY C 34 -29.88 4.35 -41.10
C GLY C 34 -29.53 5.35 -40.02
N TRP C 35 -29.75 4.99 -38.75
CA TRP C 35 -29.44 5.90 -37.65
C TRP C 35 -27.93 6.07 -37.49
N TYR C 36 -27.17 4.99 -37.69
CA TYR C 36 -25.72 5.06 -37.52
C TYR C 36 -25.06 5.93 -38.59
N ARG C 37 -25.59 5.91 -39.81
CA ARG C 37 -25.02 6.76 -40.86
C ARG C 37 -25.36 8.23 -40.63
N GLU C 38 -26.60 8.51 -40.23
CA GLU C 38 -26.99 9.89 -40.01
C GLU C 38 -26.29 10.49 -38.80
N PHE C 39 -26.23 9.74 -37.70
CA PHE C 39 -25.65 10.28 -36.47
C PHE C 39 -24.13 10.33 -36.55
N PHE C 40 -23.49 9.16 -36.66
CA PHE C 40 -22.03 9.08 -36.63
C PHE C 40 -21.38 9.49 -37.94
N GLY C 41 -22.16 9.66 -39.02
CA GLY C 41 -21.55 9.90 -40.32
C GLY C 41 -20.92 8.65 -40.90
N CYS C 42 -21.42 7.48 -40.54
CA CYS C 42 -20.82 6.24 -40.99
C CYS C 42 -21.01 6.05 -42.48
N GLU C 43 -20.16 5.21 -43.06
CA GLU C 43 -20.28 4.82 -44.46
C GLU C 43 -20.13 3.31 -44.54
N GLN C 44 -21.07 2.67 -45.20
CA GLN C 44 -21.04 1.21 -45.33
C GLN C 44 -19.77 0.77 -46.05
N ASN C 45 -19.15 -0.29 -45.53
CA ASN C 45 -17.95 -0.85 -46.13
C ASN C 45 -18.21 -2.16 -46.86
N TRP C 46 -18.99 -3.06 -46.28
CA TRP C 46 -19.41 -4.29 -46.96
C TRP C 46 -20.58 -4.89 -46.19
N SER C 47 -21.18 -5.91 -46.80
CA SER C 47 -22.32 -6.61 -46.21
C SER C 47 -22.12 -8.10 -46.39
N LEU C 48 -22.85 -8.89 -45.61
CA LEU C 48 -22.70 -10.33 -45.65
C LEU C 48 -24.01 -11.02 -45.24
N GLU C 49 -24.45 -11.97 -46.07
CA GLU C 49 -25.59 -12.81 -45.75
C GLU C 49 -25.29 -14.30 -45.81
N LYS C 50 -24.09 -14.68 -46.26
CA LYS C 50 -23.63 -16.06 -46.23
C LYS C 50 -22.60 -16.19 -45.11
N PHE C 51 -22.85 -17.11 -44.19
CA PHE C 51 -22.07 -17.20 -42.96
C PHE C 51 -21.49 -18.59 -42.77
N SER C 52 -20.35 -18.64 -42.08
CA SER C 52 -19.71 -19.90 -41.76
C SER C 52 -20.46 -20.60 -40.63
N ASP C 53 -20.09 -21.87 -40.40
CA ASP C 53 -20.73 -22.63 -39.33
C ASP C 53 -20.39 -22.08 -37.96
N LEU C 54 -19.21 -21.50 -37.80
CA LEU C 54 -18.83 -20.92 -36.51
C LEU C 54 -19.65 -19.67 -36.21
N THR C 55 -19.89 -18.83 -37.23
CA THR C 55 -20.68 -17.63 -37.03
C THR C 55 -22.12 -17.97 -36.64
N ARG C 56 -22.71 -18.97 -37.30
CA ARG C 56 -24.08 -19.37 -36.99
C ARG C 56 -24.18 -20.20 -35.72
N SER C 57 -23.07 -20.73 -35.22
CA SER C 57 -23.08 -21.36 -33.90
C SER C 57 -22.86 -20.34 -32.79
N ARG C 58 -21.99 -19.35 -33.03
CA ARG C 58 -21.85 -18.23 -32.10
C ARG C 58 -23.14 -17.41 -32.03
N LEU C 59 -23.64 -16.99 -33.19
CA LEU C 59 -24.84 -16.14 -33.29
C LEU C 59 -25.89 -16.89 -34.08
N PRO C 60 -26.71 -17.71 -33.43
CA PRO C 60 -27.73 -18.47 -34.16
C PRO C 60 -28.78 -17.56 -34.76
N GLY C 61 -29.27 -17.96 -35.93
CA GLY C 61 -30.31 -17.21 -36.61
C GLY C 61 -29.85 -15.90 -37.23
N ILE C 62 -28.55 -15.67 -37.36
CA ILE C 62 -28.05 -14.45 -37.97
C ILE C 62 -28.44 -14.42 -39.45
N THR C 63 -28.89 -13.27 -39.93
CA THR C 63 -29.35 -13.11 -41.30
C THR C 63 -28.46 -12.20 -42.13
N ARG C 64 -28.00 -11.09 -41.57
CA ARG C 64 -27.19 -10.14 -42.32
C ARG C 64 -26.28 -9.39 -41.36
N LEU C 65 -25.05 -9.15 -41.78
CA LEU C 65 -24.08 -8.39 -41.01
C LEU C 65 -23.46 -7.34 -41.91
N VAL C 66 -23.37 -6.10 -41.42
CA VAL C 66 -22.84 -4.98 -42.18
C VAL C 66 -21.77 -4.29 -41.34
N GLU C 67 -20.64 -3.97 -41.97
CA GLU C 67 -19.60 -3.20 -41.32
C GLU C 67 -19.78 -1.72 -41.62
N LEU C 68 -19.67 -0.88 -40.59
CA LEU C 68 -19.74 0.56 -40.72
C LEU C 68 -18.42 1.18 -40.30
N ALA C 69 -18.01 2.24 -40.99
CA ALA C 69 -16.77 2.93 -40.71
C ALA C 69 -17.06 4.39 -40.42
N ALA C 70 -16.49 4.89 -39.32
CA ALA C 70 -16.58 6.30 -38.95
C ALA C 70 -15.24 6.66 -38.31
N GLY C 71 -14.41 7.36 -39.06
CA GLY C 71 -13.01 7.49 -38.65
C GLY C 71 -12.32 6.16 -38.85
N ASP C 72 -11.72 5.64 -37.78
CA ASP C 72 -11.28 4.25 -37.78
C ASP C 72 -11.99 3.44 -36.71
N LEU C 73 -13.15 3.90 -36.26
CA LEU C 73 -14.06 3.07 -35.48
C LEU C 73 -14.89 2.24 -36.45
N ARG C 74 -14.70 0.93 -36.44
CA ARG C 74 -15.49 0.02 -37.25
C ARG C 74 -16.58 -0.59 -36.39
N ILE C 75 -17.82 -0.57 -36.89
CA ILE C 75 -18.97 -1.11 -36.17
C ILE C 75 -19.64 -2.14 -37.05
N HIS C 76 -19.63 -3.40 -36.61
CA HIS C 76 -20.26 -4.49 -37.36
C HIS C 76 -21.67 -4.68 -36.80
N VAL C 77 -22.66 -4.20 -37.53
CA VAL C 77 -24.06 -4.30 -37.13
C VAL C 77 -24.67 -5.54 -37.76
N PHE C 78 -25.34 -6.36 -36.95
CA PHE C 78 -25.97 -7.57 -37.47
C PHE C 78 -27.30 -7.80 -36.75
N GLU C 79 -28.13 -8.63 -37.38
CA GLU C 79 -29.47 -8.92 -36.89
C GLU C 79 -29.67 -10.43 -36.84
N ARG C 80 -30.48 -10.88 -35.88
CA ARG C 80 -30.76 -12.30 -35.76
C ARG C 80 -32.21 -12.62 -36.14
N ALA C 81 -33.05 -12.92 -35.15
CA ALA C 81 -34.42 -13.35 -35.42
C ALA C 81 -35.35 -12.73 -34.39
N ALA C 82 -36.65 -12.96 -34.57
CA ALA C 82 -37.71 -12.45 -33.69
C ALA C 82 -37.63 -10.94 -33.51
N PRO C 86 -36.71 -7.54 -27.66
CA PRO C 86 -36.49 -7.18 -26.25
C PRO C 86 -35.56 -5.97 -26.09
N ALA C 87 -35.41 -5.50 -24.84
CA ALA C 87 -34.56 -4.38 -24.52
C ALA C 87 -33.42 -4.82 -23.60
N PRO C 88 -32.21 -4.28 -23.79
CA PRO C 88 -31.05 -4.77 -23.02
C PRO C 88 -31.27 -4.71 -21.52
N VAL C 89 -30.65 -5.66 -20.82
CA VAL C 89 -30.76 -5.78 -19.37
C VAL C 89 -29.67 -4.95 -18.71
N ALA C 90 -29.98 -4.36 -17.56
CA ALA C 90 -29.07 -3.44 -16.90
C ALA C 90 -28.19 -4.12 -15.86
N GLU C 91 -28.78 -4.97 -15.01
CA GLU C 91 -28.03 -5.60 -13.92
C GLU C 91 -27.05 -6.65 -14.40
N VAL C 92 -27.16 -7.09 -15.65
CA VAL C 92 -26.45 -8.26 -16.16
C VAL C 92 -25.04 -7.87 -16.62
N PRO C 93 -24.04 -8.71 -16.40
CA PRO C 93 -22.68 -8.41 -16.92
C PRO C 93 -22.71 -8.24 -18.43
N GLN C 94 -22.02 -7.21 -18.91
CA GLN C 94 -22.17 -6.80 -20.29
C GLN C 94 -21.07 -5.84 -20.68
N PHE C 95 -20.95 -5.59 -21.98
CA PHE C 95 -20.25 -4.42 -22.50
C PHE C 95 -21.24 -3.26 -22.40
N GLN C 96 -21.10 -2.45 -21.34
CA GLN C 96 -22.15 -1.51 -20.99
C GLN C 96 -22.20 -0.28 -21.90
N HIS C 97 -21.06 0.19 -22.40
CA HIS C 97 -21.07 1.38 -23.23
C HIS C 97 -19.74 1.48 -23.98
N LEU C 98 -19.74 2.31 -25.02
CA LEU C 98 -18.55 2.62 -25.80
C LEU C 98 -18.34 4.13 -25.78
N CYS C 99 -17.08 4.54 -25.65
CA CYS C 99 -16.73 5.95 -25.51
C CYS C 99 -15.92 6.43 -26.70
N LEU C 100 -16.28 7.60 -27.22
CA LEU C 100 -15.58 8.23 -28.33
C LEU C 100 -15.07 9.60 -27.90
N ALA C 101 -13.83 9.91 -28.28
CA ALA C 101 -13.18 11.17 -27.91
C ALA C 101 -13.32 12.17 -29.04
N THR C 102 -13.76 13.38 -28.71
CA THR C 102 -13.98 14.43 -29.69
C THR C 102 -12.76 15.35 -29.77
N ARG C 103 -12.85 16.34 -30.66
CA ARG C 103 -11.76 17.27 -30.93
C ARG C 103 -11.88 18.57 -30.15
N SER C 104 -13.09 19.09 -29.96
CA SER C 104 -13.29 20.39 -29.35
C SER C 104 -14.50 20.32 -28.42
N PRO C 105 -14.56 21.19 -27.41
CA PRO C 105 -15.79 21.27 -26.60
C PRO C 105 -17.00 21.69 -27.41
N GLU C 106 -16.78 22.41 -28.51
CA GLU C 106 -17.89 22.79 -29.38
C GLU C 106 -18.54 21.57 -30.01
N GLU C 107 -17.72 20.57 -30.36
CA GLU C 107 -18.26 19.34 -30.95
C GLU C 107 -19.13 18.58 -29.96
N MET C 108 -18.84 18.68 -28.67
CA MET C 108 -19.64 17.99 -27.66
C MET C 108 -21.08 18.47 -27.69
N THR C 109 -21.29 19.78 -27.75
CA THR C 109 -22.65 20.30 -27.89
C THR C 109 -23.26 19.88 -29.23
N GLU C 110 -22.45 19.80 -30.28
CA GLU C 110 -22.96 19.38 -31.59
C GLU C 110 -23.50 17.97 -31.54
N TRP C 111 -22.83 17.08 -30.81
CA TRP C 111 -23.28 15.69 -30.73
C TRP C 111 -24.59 15.59 -29.96
N ARG C 112 -24.77 16.40 -28.92
CA ARG C 112 -26.03 16.38 -28.19
C ARG C 112 -27.15 17.01 -29.00
N ASP C 113 -26.84 18.06 -29.76
CA ASP C 113 -27.85 18.65 -30.63
C ASP C 113 -28.25 17.68 -31.74
N ARG C 114 -27.28 16.97 -32.31
CA ARG C 114 -27.56 16.05 -33.41
C ARG C 114 -28.42 14.89 -32.96
N TRP C 115 -28.21 14.40 -31.73
CA TRP C 115 -29.03 13.30 -31.24
C TRP C 115 -30.48 13.73 -31.07
N LEU C 116 -30.70 14.86 -30.40
CA LEU C 116 -32.06 15.36 -30.23
C LEU C 116 -32.71 15.69 -31.57
N GLU C 117 -31.92 16.14 -32.55
CA GLU C 117 -32.46 16.43 -33.86
C GLU C 117 -32.97 15.16 -34.54
N LEU C 118 -32.17 14.09 -34.51
CA LEU C 118 -32.56 12.85 -35.19
C LEU C 118 -33.65 12.11 -34.43
N TYR C 119 -33.66 12.21 -33.10
CA TYR C 119 -34.72 11.57 -32.32
C TYR C 119 -36.05 12.25 -32.57
N GLU C 120 -36.08 13.58 -32.49
CA GLU C 120 -37.32 14.33 -32.71
C GLU C 120 -37.77 14.32 -34.16
N SER C 121 -36.93 13.86 -35.09
CA SER C 121 -37.33 13.78 -36.48
C SER C 121 -38.41 12.74 -36.70
N GLY C 122 -38.42 11.67 -35.91
CA GLY C 122 -39.41 10.62 -36.02
C GLY C 122 -39.15 9.59 -37.11
N ARG C 123 -38.02 9.69 -37.81
CA ARG C 123 -37.72 8.72 -38.87
C ARG C 123 -37.28 7.36 -38.33
N TYR C 124 -36.85 7.30 -37.07
CA TYR C 124 -36.33 6.07 -36.49
C TYR C 124 -37.12 5.67 -35.26
N THR C 125 -37.08 4.38 -34.94
CA THR C 125 -37.64 3.85 -33.72
C THR C 125 -36.53 3.68 -32.69
N PHE C 126 -36.80 4.12 -31.46
CA PHE C 126 -35.83 4.04 -30.37
C PHE C 126 -36.36 3.08 -29.31
N VAL C 127 -35.52 2.13 -28.90
CA VAL C 127 -35.92 1.14 -27.90
C VAL C 127 -36.30 1.84 -26.60
N ARG C 128 -35.48 2.79 -26.16
CA ARG C 128 -35.78 3.61 -25.00
C ARG C 128 -36.04 5.05 -25.44
N ASP C 129 -36.87 5.74 -24.66
CA ASP C 129 -37.20 7.14 -24.92
C ASP C 129 -36.32 8.12 -24.16
N GLU C 130 -35.25 7.63 -23.54
CA GLU C 130 -34.37 8.50 -22.77
C GLU C 130 -33.61 9.44 -23.69
N GLY C 131 -33.62 10.73 -23.35
CA GLY C 131 -32.86 11.72 -24.07
C GLY C 131 -31.41 11.77 -23.59
N PRO C 132 -30.62 12.61 -24.23
CA PRO C 132 -29.20 12.71 -23.87
C PRO C 132 -29.02 13.40 -22.52
N THR C 133 -27.90 13.08 -21.89
CA THR C 133 -27.54 13.72 -20.63
C THR C 133 -26.95 15.11 -20.91
N ASP C 134 -26.73 15.86 -19.83
CA ASP C 134 -26.01 17.11 -19.95
C ASP C 134 -24.52 16.83 -20.10
N ILE C 135 -23.79 17.84 -20.56
CA ILE C 135 -22.34 17.75 -20.65
C ILE C 135 -21.75 18.07 -19.29
N VAL C 136 -21.04 17.10 -18.71
CA VAL C 136 -20.56 17.16 -17.33
C VAL C 136 -19.05 17.39 -17.34
N VAL C 137 -18.59 18.31 -16.50
CA VAL C 137 -17.16 18.52 -16.27
C VAL C 137 -16.77 17.86 -14.96
N ASP C 138 -15.61 17.21 -14.96
CA ASP C 138 -15.05 16.65 -13.75
C ASP C 138 -13.97 17.58 -13.22
N GLU C 139 -13.24 17.13 -12.19
CA GLU C 139 -12.26 17.98 -11.53
C GLU C 139 -11.14 18.44 -12.45
N ASP C 140 -10.89 17.72 -13.55
CA ASP C 140 -9.76 18.00 -14.42
C ASP C 140 -10.16 18.68 -15.72
N GLY C 141 -11.42 19.03 -15.90
CA GLY C 141 -11.88 19.66 -17.13
C GLY C 141 -12.35 18.72 -18.21
N VAL C 142 -12.56 17.45 -17.90
CA VAL C 142 -12.96 16.47 -18.89
C VAL C 142 -14.48 16.53 -19.05
N LEU C 143 -14.94 16.72 -20.29
CA LEU C 143 -16.35 16.77 -20.60
C LEU C 143 -16.89 15.37 -20.87
N SER C 144 -18.14 15.15 -20.47
CA SER C 144 -18.74 13.82 -20.57
C SER C 144 -20.19 13.95 -21.04
N LEU C 145 -20.56 13.08 -21.99
CA LEU C 145 -21.89 13.10 -22.58
C LEU C 145 -22.27 11.67 -22.96
N TYR C 146 -23.48 11.26 -22.62
CA TYR C 146 -23.95 9.92 -22.89
C TYR C 146 -25.26 9.96 -23.68
N VAL C 147 -25.30 9.23 -24.80
CA VAL C 147 -26.49 9.10 -25.62
C VAL C 147 -26.76 7.63 -25.87
N LEU C 148 -27.99 7.33 -26.26
CA LEU C 148 -28.39 5.97 -26.58
C LEU C 148 -28.60 5.84 -28.09
N ASP C 149 -28.16 4.72 -28.65
CA ASP C 149 -28.48 4.40 -30.03
C ASP C 149 -29.94 3.96 -30.12
N VAL C 150 -30.36 3.54 -31.32
CA VAL C 150 -31.73 3.10 -31.51
C VAL C 150 -32.04 1.80 -30.76
N ASN C 151 -31.01 1.07 -30.35
CA ASN C 151 -31.17 -0.21 -29.67
C ASN C 151 -31.07 -0.10 -28.16
N GLY C 152 -30.99 1.12 -27.62
CA GLY C 152 -30.83 1.30 -26.20
C GLY C 152 -29.43 1.16 -25.67
N LEU C 153 -28.44 0.94 -26.54
CA LEU C 153 -27.06 0.81 -26.11
C LEU C 153 -26.45 2.19 -25.89
N GLU C 154 -25.69 2.32 -24.81
CA GLU C 154 -25.17 3.62 -24.39
C GLU C 154 -23.86 3.94 -25.09
N TYR C 155 -23.75 5.16 -25.58
CA TYR C 155 -22.52 5.69 -26.15
C TYR C 155 -22.07 6.90 -25.35
N GLU C 156 -20.77 7.02 -25.12
CA GLU C 156 -20.20 8.17 -24.43
C GLU C 156 -19.37 9.00 -25.39
N PHE C 157 -19.51 10.32 -25.30
CA PHE C 157 -18.65 11.26 -26.01
C PHE C 157 -17.85 12.04 -24.97
N THR C 158 -16.55 12.17 -25.21
CA THR C 158 -15.64 12.74 -24.23
C THR C 158 -14.75 13.77 -24.91
N TYR C 159 -14.36 14.78 -24.13
CA TYR C 159 -13.32 15.72 -24.54
C TYR C 159 -12.26 15.78 -23.45
N LEU C 160 -11.01 15.60 -23.82
CA LEU C 160 -9.91 15.56 -22.86
C LEU C 160 -8.97 16.74 -23.10
N PRO C 161 -8.96 17.75 -22.23
CA PRO C 161 -7.90 18.77 -22.31
C PRO C 161 -6.58 18.17 -21.83
N GLU C 162 -5.55 18.33 -22.65
CA GLU C 162 -4.24 17.77 -22.30
C GLU C 162 -3.25 18.87 -21.94
N HIS D 15 -9.76 12.38 -38.13
CA HIS D 15 -11.18 12.05 -38.14
C HIS D 15 -11.96 12.87 -37.13
N ALA D 16 -13.29 12.81 -37.21
CA ALA D 16 -14.12 13.60 -36.31
C ALA D 16 -13.96 13.15 -34.86
N PHE D 17 -13.92 11.83 -34.64
CA PHE D 17 -13.77 11.27 -33.30
C PHE D 17 -12.92 10.02 -33.38
N ARG D 18 -12.62 9.44 -32.22
CA ARG D 18 -11.81 8.23 -32.14
C ARG D 18 -12.27 7.41 -30.95
N PHE D 19 -12.02 6.11 -31.02
CA PHE D 19 -12.31 5.22 -29.91
C PHE D 19 -11.41 5.57 -28.73
N HIS D 20 -12.02 5.73 -27.56
CA HIS D 20 -11.25 6.00 -26.34
C HIS D 20 -11.23 4.82 -25.39
N HIS D 21 -12.40 4.27 -25.05
CA HIS D 21 -12.45 3.14 -24.14
C HIS D 21 -13.81 2.46 -24.25
N ILE D 22 -13.87 1.23 -23.76
CA ILE D 22 -15.12 0.50 -23.60
C ILE D 22 -15.31 0.22 -22.12
N GLY D 23 -16.57 0.13 -21.71
CA GLY D 23 -16.93 -0.11 -20.32
C GLY D 23 -17.47 -1.51 -20.12
N VAL D 24 -16.87 -2.23 -19.19
CA VAL D 24 -17.24 -3.60 -18.88
C VAL D 24 -17.89 -3.62 -17.50
N GLN D 25 -19.14 -4.06 -17.44
CA GLN D 25 -19.86 -4.23 -16.18
C GLN D 25 -19.66 -5.65 -15.68
N THR D 26 -19.23 -5.78 -14.43
CA THR D 26 -18.92 -7.09 -13.86
C THR D 26 -19.52 -7.19 -12.46
N SER D 27 -19.75 -8.45 -12.05
CA SER D 27 -20.22 -8.74 -10.70
C SER D 27 -19.09 -9.09 -9.73
N ASP D 28 -17.91 -9.43 -10.25
CA ASP D 28 -16.73 -9.73 -9.43
C ASP D 28 -15.59 -8.85 -9.95
N LEU D 29 -15.36 -7.72 -9.27
CA LEU D 29 -14.34 -6.78 -9.73
C LEU D 29 -12.93 -7.35 -9.56
N GLU D 30 -12.68 -8.02 -8.44
CA GLU D 30 -11.36 -8.58 -8.20
C GLU D 30 -11.03 -9.64 -9.25
N ASN D 31 -11.97 -10.54 -9.52
CA ASN D 31 -11.71 -11.61 -10.48
C ASN D 31 -11.52 -11.06 -11.90
N SER D 32 -12.21 -9.97 -12.24
CA SER D 32 -12.04 -9.38 -13.57
C SER D 32 -10.76 -8.58 -13.66
N LEU D 33 -10.43 -7.81 -12.62
CA LEU D 33 -9.19 -7.03 -12.63
C LEU D 33 -7.96 -7.92 -12.74
N GLY D 34 -8.01 -9.10 -12.12
CA GLY D 34 -6.87 -9.99 -12.18
C GLY D 34 -6.73 -10.67 -13.53
N TRP D 35 -7.85 -11.13 -14.10
CA TRP D 35 -7.78 -11.87 -15.36
C TRP D 35 -7.42 -10.94 -16.53
N TYR D 36 -7.92 -9.71 -16.51
CA TYR D 36 -7.61 -8.77 -17.58
C TYR D 36 -6.13 -8.39 -17.57
N ARG D 37 -5.50 -8.35 -16.40
CA ARG D 37 -4.09 -7.98 -16.33
C ARG D 37 -3.18 -9.10 -16.80
N GLU D 38 -3.59 -10.36 -16.62
CA GLU D 38 -2.78 -11.48 -17.08
C GLU D 38 -2.96 -11.72 -18.58
N PHE D 39 -4.21 -11.70 -19.05
CA PHE D 39 -4.51 -12.03 -20.43
C PHE D 39 -4.01 -10.95 -21.38
N PHE D 40 -4.61 -9.76 -21.34
CA PHE D 40 -4.24 -8.67 -22.23
C PHE D 40 -2.93 -7.99 -21.83
N GLY D 41 -2.46 -8.20 -20.61
CA GLY D 41 -1.33 -7.43 -20.13
C GLY D 41 -1.69 -6.02 -19.76
N CYS D 42 -2.90 -5.81 -19.24
CA CYS D 42 -3.37 -4.47 -18.90
C CYS D 42 -2.65 -3.94 -17.67
N GLU D 43 -2.53 -2.62 -17.60
CA GLU D 43 -2.01 -1.93 -16.44
C GLU D 43 -3.05 -0.95 -15.93
N GLN D 44 -3.15 -0.84 -14.61
CA GLN D 44 -4.11 0.08 -14.00
C GLN D 44 -3.57 1.50 -14.08
N ASN D 45 -4.30 2.38 -14.76
CA ASN D 45 -3.92 3.78 -14.85
C ASN D 45 -4.40 4.58 -13.63
N TRP D 46 -5.65 4.38 -13.23
CA TRP D 46 -6.20 5.08 -12.07
C TRP D 46 -7.38 4.28 -11.53
N SER D 47 -7.85 4.70 -10.36
CA SER D 47 -8.99 4.06 -9.71
C SER D 47 -9.88 5.14 -9.11
N LEU D 48 -11.19 4.92 -9.16
CA LEU D 48 -12.15 5.89 -8.67
C LEU D 48 -13.21 5.18 -7.83
N GLU D 49 -13.49 5.73 -6.64
CA GLU D 49 -14.51 5.18 -5.76
C GLU D 49 -15.56 6.20 -5.32
N LYS D 50 -15.33 7.50 -5.53
CA LYS D 50 -16.36 8.50 -5.37
C LYS D 50 -16.86 8.91 -6.75
N PHE D 51 -18.18 9.04 -6.89
CA PHE D 51 -18.79 9.19 -8.20
C PHE D 51 -19.71 10.40 -8.23
N SER D 52 -19.88 10.96 -9.42
CA SER D 52 -20.76 12.10 -9.64
C SER D 52 -22.22 11.65 -9.69
N ASP D 53 -23.11 12.64 -9.76
CA ASP D 53 -24.54 12.34 -9.82
C ASP D 53 -24.91 11.64 -11.12
N LEU D 54 -24.24 11.98 -12.22
CA LEU D 54 -24.62 11.44 -13.52
C LEU D 54 -24.33 9.94 -13.60
N THR D 55 -23.18 9.51 -13.10
CA THR D 55 -22.82 8.10 -13.22
C THR D 55 -23.60 7.23 -12.24
N ARG D 56 -23.84 7.72 -11.03
CA ARG D 56 -24.73 7.01 -10.11
C ARG D 56 -26.16 6.98 -10.63
N SER D 57 -26.50 7.85 -11.59
CA SER D 57 -27.81 7.80 -12.23
C SER D 57 -27.83 6.79 -13.37
N ARG D 58 -26.74 6.69 -14.13
CA ARG D 58 -26.66 5.69 -15.19
C ARG D 58 -26.33 4.32 -14.63
N LEU D 59 -25.45 4.25 -13.64
CA LEU D 59 -24.99 3.00 -13.04
C LEU D 59 -25.36 3.00 -11.56
N PRO D 60 -26.64 2.78 -11.23
CA PRO D 60 -27.08 2.86 -9.83
C PRO D 60 -26.42 1.78 -8.98
N GLY D 61 -25.73 2.20 -7.93
CA GLY D 61 -25.07 1.28 -7.03
C GLY D 61 -23.62 1.01 -7.35
N ILE D 62 -23.01 1.79 -8.24
CA ILE D 62 -21.61 1.59 -8.60
C ILE D 62 -20.74 1.87 -7.38
N THR D 63 -19.75 1.00 -7.14
CA THR D 63 -18.86 1.12 -6.00
C THR D 63 -17.42 1.41 -6.36
N ARG D 64 -16.95 0.95 -7.52
CA ARG D 64 -15.56 1.15 -7.91
C ARG D 64 -15.45 1.08 -9.42
N LEU D 65 -14.56 1.89 -9.98
CA LEU D 65 -14.31 1.93 -11.41
C LEU D 65 -12.81 2.05 -11.64
N VAL D 66 -12.27 1.17 -12.49
CA VAL D 66 -10.84 1.12 -12.77
C VAL D 66 -10.62 1.22 -14.27
N GLU D 67 -9.60 1.97 -14.66
CA GLU D 67 -9.19 2.07 -16.06
C GLU D 67 -7.99 1.17 -16.29
N LEU D 68 -8.12 0.25 -17.25
CA LEU D 68 -7.03 -0.61 -17.69
C LEU D 68 -6.56 -0.17 -19.07
N ALA D 69 -5.28 -0.36 -19.33
CA ALA D 69 -4.68 0.11 -20.58
C ALA D 69 -3.74 -0.95 -21.11
N ALA D 70 -4.04 -1.47 -22.31
CA ALA D 70 -3.17 -2.38 -23.03
C ALA D 70 -3.00 -1.79 -24.44
N GLY D 71 -1.84 -1.18 -24.68
CA GLY D 71 -1.66 -0.46 -25.92
C GLY D 71 -2.47 0.83 -25.87
N ASP D 72 -3.23 1.09 -26.93
CA ASP D 72 -4.17 2.20 -26.94
C ASP D 72 -5.59 1.74 -26.65
N LEU D 73 -5.77 0.48 -26.28
CA LEU D 73 -7.07 -0.02 -25.83
C LEU D 73 -7.22 0.27 -24.34
N ARG D 74 -8.30 0.96 -23.98
CA ARG D 74 -8.63 1.25 -22.59
C ARG D 74 -9.94 0.58 -22.23
N ILE D 75 -10.00 -0.02 -21.05
CA ILE D 75 -11.17 -0.76 -20.58
C ILE D 75 -11.52 -0.24 -19.20
N HIS D 76 -12.72 0.30 -19.05
CA HIS D 76 -13.22 0.78 -17.76
C HIS D 76 -14.14 -0.29 -17.19
N VAL D 77 -13.59 -1.13 -16.32
CA VAL D 77 -14.34 -2.21 -15.69
C VAL D 77 -14.82 -1.72 -14.33
N PHE D 78 -16.11 -1.92 -14.05
CA PHE D 78 -16.70 -1.46 -12.81
C PHE D 78 -17.65 -2.51 -12.26
N GLU D 79 -17.97 -2.38 -10.98
CA GLU D 79 -18.88 -3.29 -10.28
C GLU D 79 -19.92 -2.48 -9.53
N ARG D 80 -21.15 -2.97 -9.54
CA ARG D 80 -22.26 -2.33 -8.83
C ARG D 80 -22.62 -3.21 -7.63
N ALA D 81 -23.88 -3.58 -7.43
CA ALA D 81 -24.27 -4.41 -6.30
C ALA D 81 -23.79 -5.85 -6.47
N PRO D 86 -25.05 -11.94 -12.44
CA PRO D 86 -25.29 -13.28 -12.99
C PRO D 86 -24.52 -13.56 -14.29
N ALA D 87 -25.25 -13.73 -15.39
CA ALA D 87 -24.68 -14.13 -16.67
C ALA D 87 -25.29 -13.29 -17.79
N PRO D 88 -24.55 -13.09 -18.88
CA PRO D 88 -25.07 -12.27 -19.99
C PRO D 88 -26.28 -12.91 -20.66
N VAL D 89 -27.01 -12.08 -21.40
CA VAL D 89 -28.15 -12.51 -22.21
C VAL D 89 -27.81 -12.34 -23.67
N ALA D 90 -28.15 -13.33 -24.48
CA ALA D 90 -27.72 -13.38 -25.87
C ALA D 90 -28.73 -12.80 -26.84
N GLU D 91 -30.02 -13.13 -26.68
CA GLU D 91 -31.03 -12.72 -27.63
C GLU D 91 -31.34 -11.23 -27.58
N VAL D 92 -30.75 -10.49 -26.64
CA VAL D 92 -31.11 -9.10 -26.39
C VAL D 92 -30.13 -8.18 -27.14
N PRO D 93 -30.56 -7.00 -27.59
CA PRO D 93 -29.62 -6.06 -28.20
C PRO D 93 -28.48 -5.71 -27.24
N GLN D 94 -27.27 -5.64 -27.78
CA GLN D 94 -26.09 -5.53 -26.94
C GLN D 94 -24.88 -5.21 -27.81
N PHE D 95 -23.82 -4.73 -27.17
CA PHE D 95 -22.49 -4.76 -27.75
C PHE D 95 -22.01 -6.21 -27.67
N GLN D 96 -22.10 -6.93 -28.79
CA GLN D 96 -22.01 -8.38 -28.74
C GLN D 96 -20.58 -8.86 -28.47
N HIS D 97 -19.59 -8.18 -29.03
CA HIS D 97 -18.20 -8.62 -28.88
C HIS D 97 -17.27 -7.47 -29.24
N LEU D 98 -16.00 -7.65 -28.90
CA LEU D 98 -14.95 -6.69 -29.22
C LEU D 98 -13.84 -7.41 -29.98
N CYS D 99 -13.34 -6.78 -31.03
CA CYS D 99 -12.31 -7.36 -31.88
C CYS D 99 -11.00 -6.61 -31.72
N LEU D 100 -9.91 -7.36 -31.65
CA LEU D 100 -8.56 -6.81 -31.53
C LEU D 100 -7.70 -7.32 -32.67
N ALA D 101 -6.93 -6.42 -33.27
CA ALA D 101 -6.13 -6.73 -34.44
C ALA D 101 -4.71 -7.13 -34.02
N THR D 102 -4.38 -8.40 -34.21
CA THR D 102 -3.02 -8.86 -33.95
C THR D 102 -2.09 -8.34 -35.04
N ARG D 103 -0.79 -8.54 -34.83
CA ARG D 103 0.22 -8.02 -35.75
C ARG D 103 0.76 -9.08 -36.70
N SER D 104 0.54 -10.36 -36.41
CA SER D 104 1.19 -11.41 -37.18
C SER D 104 0.58 -12.76 -36.82
N PRO D 105 0.57 -13.74 -37.74
CA PRO D 105 -0.21 -14.96 -37.51
C PRO D 105 0.24 -15.79 -36.32
N GLU D 106 1.47 -15.59 -35.81
CA GLU D 106 1.92 -16.38 -34.67
C GLU D 106 1.13 -16.05 -33.42
N GLU D 107 0.66 -14.82 -33.29
CA GLU D 107 -0.02 -14.40 -32.06
C GLU D 107 -1.42 -15.00 -31.93
N MET D 108 -2.04 -15.41 -33.03
CA MET D 108 -3.36 -16.02 -32.96
C MET D 108 -3.33 -17.29 -32.12
N THR D 109 -2.30 -18.12 -32.28
CA THR D 109 -2.13 -19.29 -31.43
C THR D 109 -1.61 -18.89 -30.05
N GLU D 110 -0.75 -17.87 -29.99
CA GLU D 110 -0.30 -17.37 -28.69
C GLU D 110 -1.47 -16.91 -27.85
N TRP D 111 -2.44 -16.23 -28.46
CA TRP D 111 -3.61 -15.76 -27.73
C TRP D 111 -4.51 -16.92 -27.33
N ARG D 112 -4.66 -17.92 -28.21
CA ARG D 112 -5.47 -19.09 -27.88
C ARG D 112 -4.80 -19.92 -26.79
N ASP D 113 -3.46 -20.01 -26.84
CA ASP D 113 -2.74 -20.77 -25.81
C ASP D 113 -2.78 -20.06 -24.47
N ARG D 114 -2.68 -18.73 -24.47
CA ARG D 114 -2.70 -17.99 -23.21
C ARG D 114 -4.06 -18.09 -22.52
N TRP D 115 -5.14 -18.06 -23.30
CA TRP D 115 -6.46 -18.24 -22.70
C TRP D 115 -6.58 -19.62 -22.06
N LEU D 116 -6.08 -20.65 -22.73
CA LEU D 116 -6.19 -22.00 -22.19
C LEU D 116 -5.36 -22.16 -20.91
N GLU D 117 -4.15 -21.62 -20.90
CA GLU D 117 -3.30 -21.75 -19.71
C GLU D 117 -3.85 -20.93 -18.55
N LEU D 118 -4.50 -19.80 -18.83
CA LEU D 118 -5.10 -19.00 -17.77
C LEU D 118 -6.36 -19.67 -17.24
N TYR D 119 -7.13 -20.32 -18.12
CA TYR D 119 -8.32 -21.03 -17.67
C TYR D 119 -7.96 -22.25 -16.83
N GLU D 120 -6.96 -23.01 -17.26
CA GLU D 120 -6.55 -24.22 -16.56
C GLU D 120 -5.74 -23.93 -15.31
N SER D 121 -5.28 -22.69 -15.12
CA SER D 121 -4.49 -22.36 -13.94
C SER D 121 -5.31 -22.47 -12.67
N GLY D 122 -6.63 -22.31 -12.77
CA GLY D 122 -7.50 -22.33 -11.61
C GLY D 122 -7.44 -21.09 -10.76
N ARG D 123 -6.85 -20.00 -11.25
CA ARG D 123 -6.76 -18.76 -10.50
C ARG D 123 -8.01 -17.90 -10.60
N TYR D 124 -8.92 -18.20 -11.52
CA TYR D 124 -10.06 -17.34 -11.81
C TYR D 124 -11.33 -18.17 -11.87
N THR D 125 -12.46 -17.47 -11.89
CA THR D 125 -13.78 -18.07 -12.07
C THR D 125 -14.39 -17.52 -13.34
N PHE D 126 -14.90 -18.41 -14.19
CA PHE D 126 -15.50 -18.06 -15.47
C PHE D 126 -16.99 -18.29 -15.41
N VAL D 127 -17.76 -17.31 -15.90
CA VAL D 127 -19.21 -17.43 -15.94
C VAL D 127 -19.63 -18.60 -16.81
N ARG D 128 -19.09 -18.66 -18.03
CA ARG D 128 -19.30 -19.76 -18.94
C ARG D 128 -18.04 -20.61 -19.01
N ASP D 129 -18.22 -21.93 -19.09
CA ASP D 129 -17.11 -22.86 -19.17
C ASP D 129 -16.65 -23.14 -20.59
N GLU D 130 -17.29 -22.52 -21.59
CA GLU D 130 -16.96 -22.79 -22.98
C GLU D 130 -15.57 -22.26 -23.31
N GLY D 131 -14.76 -23.10 -23.97
CA GLY D 131 -13.44 -22.71 -24.36
C GLY D 131 -13.42 -21.92 -25.64
N PRO D 132 -12.22 -21.58 -26.10
CA PRO D 132 -12.10 -20.78 -27.32
C PRO D 132 -12.44 -21.60 -28.56
N THR D 133 -12.71 -20.88 -29.65
CA THR D 133 -12.95 -21.52 -30.93
C THR D 133 -11.62 -21.88 -31.58
N ASP D 134 -11.69 -22.42 -32.79
CA ASP D 134 -10.50 -22.66 -33.60
C ASP D 134 -10.16 -21.39 -34.38
N ILE D 135 -8.89 -21.27 -34.75
CA ILE D 135 -8.47 -20.18 -35.63
C ILE D 135 -8.99 -20.48 -37.03
N VAL D 136 -9.89 -19.62 -37.51
CA VAL D 136 -10.57 -19.84 -38.78
C VAL D 136 -10.01 -18.86 -39.82
N VAL D 137 -10.17 -19.23 -41.09
CA VAL D 137 -9.72 -18.44 -42.22
C VAL D 137 -10.92 -18.12 -43.10
N ASP D 138 -10.87 -16.96 -43.75
CA ASP D 138 -11.98 -16.55 -44.61
C ASP D 138 -11.54 -16.45 -46.07
N GLU D 139 -12.33 -15.74 -46.89
CA GLU D 139 -12.02 -15.61 -48.31
C GLU D 139 -10.63 -15.03 -48.53
N ASP D 140 -10.29 -13.96 -47.81
CA ASP D 140 -9.07 -13.20 -48.06
C ASP D 140 -7.94 -13.54 -47.11
N GLY D 141 -8.02 -14.69 -46.43
CA GLY D 141 -6.97 -15.09 -45.52
C GLY D 141 -7.03 -14.44 -44.15
N VAL D 142 -8.14 -13.80 -43.80
CA VAL D 142 -8.27 -13.19 -42.48
C VAL D 142 -8.40 -14.28 -41.43
N LEU D 143 -7.56 -14.23 -40.41
CA LEU D 143 -7.62 -15.17 -39.30
C LEU D 143 -8.50 -14.60 -38.19
N SER D 144 -9.31 -15.46 -37.59
CA SER D 144 -10.23 -15.06 -36.53
C SER D 144 -10.16 -16.07 -35.38
N LEU D 145 -10.50 -15.57 -34.18
CA LEU D 145 -10.40 -16.36 -32.96
C LEU D 145 -11.28 -15.69 -31.90
N TYR D 146 -12.17 -16.47 -31.29
CA TYR D 146 -13.13 -15.95 -30.33
C TYR D 146 -12.91 -16.58 -28.96
N VAL D 147 -12.78 -15.74 -27.94
CA VAL D 147 -12.64 -16.17 -26.56
C VAL D 147 -13.64 -15.41 -25.71
N LEU D 148 -13.95 -15.99 -24.55
CA LEU D 148 -14.82 -15.37 -23.57
C LEU D 148 -14.00 -14.90 -22.37
N ASP D 149 -14.42 -13.78 -21.78
CA ASP D 149 -13.75 -13.27 -20.59
C ASP D 149 -14.20 -14.06 -19.36
N VAL D 150 -13.95 -13.53 -18.17
CA VAL D 150 -14.44 -14.16 -16.95
C VAL D 150 -15.90 -13.85 -16.67
N ASN D 151 -16.49 -12.92 -17.42
CA ASN D 151 -17.89 -12.54 -17.25
C ASN D 151 -18.80 -13.16 -18.30
N GLY D 152 -18.24 -13.87 -19.28
CA GLY D 152 -19.00 -14.43 -20.37
C GLY D 152 -19.06 -13.57 -21.62
N LEU D 153 -18.34 -12.44 -21.65
CA LEU D 153 -18.35 -11.55 -22.79
C LEU D 153 -17.32 -12.01 -23.82
N GLU D 154 -17.71 -11.94 -25.09
CA GLU D 154 -16.91 -12.50 -26.17
C GLU D 154 -15.92 -11.46 -26.71
N TYR D 155 -14.67 -11.88 -26.85
CA TYR D 155 -13.65 -11.09 -27.53
C TYR D 155 -13.25 -11.80 -28.81
N GLU D 156 -12.82 -11.03 -29.80
CA GLU D 156 -12.34 -11.58 -31.06
C GLU D 156 -10.91 -11.10 -31.31
N PHE D 157 -10.03 -12.04 -31.64
CA PHE D 157 -8.70 -11.74 -32.10
C PHE D 157 -8.64 -11.99 -33.59
N THR D 158 -8.14 -11.02 -34.34
CA THR D 158 -8.09 -11.11 -35.79
C THR D 158 -6.69 -10.79 -36.28
N TYR D 159 -6.41 -11.25 -37.50
CA TYR D 159 -5.18 -10.89 -38.21
C TYR D 159 -5.51 -10.63 -39.66
N LEU D 160 -5.29 -9.39 -40.11
CA LEU D 160 -5.52 -9.02 -41.50
C LEU D 160 -4.20 -9.11 -42.26
N PRO D 161 -4.13 -9.89 -43.35
CA PRO D 161 -2.88 -9.92 -44.13
C PRO D 161 -2.63 -8.61 -44.84
N GLU D 162 -3.21 -8.44 -46.03
CA GLU D 162 -3.11 -7.21 -46.79
C GLU D 162 -4.47 -6.64 -47.18
N GLY D 163 -5.55 -7.33 -46.86
CA GLY D 163 -6.89 -6.85 -47.17
C GLY D 163 -7.51 -6.07 -46.02
N VAL D 164 -7.48 -4.74 -46.12
CA VAL D 164 -8.02 -3.89 -45.08
C VAL D 164 -9.54 -3.80 -45.21
N HIS E 15 30.05 20.31 13.34
CA HIS E 15 30.46 19.74 14.62
C HIS E 15 30.02 18.28 14.72
N ALA E 16 29.64 17.87 15.94
CA ALA E 16 29.14 16.52 16.14
C ALA E 16 27.79 16.32 15.46
N PHE E 17 26.94 17.35 15.45
CA PHE E 17 25.67 17.31 14.75
C PHE E 17 25.29 18.71 14.32
N ARG E 18 24.46 18.78 13.28
CA ARG E 18 23.99 20.03 12.69
C ARG E 18 22.49 20.12 12.84
N PHE E 19 21.99 21.29 13.22
CA PHE E 19 20.55 21.52 13.26
C PHE E 19 19.99 21.43 11.85
N HIS E 20 18.96 20.61 11.67
CA HIS E 20 18.38 20.38 10.35
C HIS E 20 17.04 21.09 10.17
N HIS E 21 16.07 20.84 11.04
CA HIS E 21 14.77 21.48 10.91
C HIS E 21 14.06 21.44 12.25
N ILE E 22 12.97 22.20 12.32
CA ILE E 22 12.06 22.21 13.47
C ILE E 22 10.66 21.92 12.97
N GLY E 23 9.89 21.17 13.76
CA GLY E 23 8.52 20.82 13.41
C GLY E 23 7.52 21.75 14.05
N VAL E 24 6.54 22.17 13.28
CA VAL E 24 5.46 23.05 13.73
C VAL E 24 4.14 22.34 13.54
N GLN E 25 3.32 22.29 14.59
CA GLN E 25 2.00 21.69 14.52
C GLN E 25 0.94 22.78 14.53
N THR E 26 -0.03 22.67 13.63
CA THR E 26 -1.08 23.67 13.50
C THR E 26 -2.42 22.99 13.33
N SER E 27 -3.48 23.66 13.80
CA SER E 27 -4.85 23.22 13.61
C SER E 27 -5.45 23.75 12.31
N ASP E 28 -4.70 24.57 11.58
CA ASP E 28 -5.15 25.11 10.29
C ASP E 28 -3.91 25.23 9.41
N LEU E 29 -3.71 24.24 8.55
CA LEU E 29 -2.53 24.22 7.68
C LEU E 29 -2.47 25.44 6.79
N GLU E 30 -3.30 25.45 5.73
CA GLU E 30 -3.17 26.44 4.67
C GLU E 30 -3.10 27.87 5.19
N ASN E 31 -3.75 28.16 6.33
CA ASN E 31 -3.63 29.48 6.93
C ASN E 31 -2.21 29.75 7.41
N SER E 32 -1.47 28.70 7.79
CA SER E 32 -0.12 28.87 8.30
C SER E 32 0.93 28.94 7.21
N LEU E 33 0.76 28.21 6.11
CA LEU E 33 1.73 28.29 5.02
C LEU E 33 1.76 29.68 4.40
N GLY E 34 0.59 30.25 4.12
CA GLY E 34 0.56 31.56 3.49
C GLY E 34 1.22 32.62 4.34
N TRP E 35 0.91 32.65 5.64
CA TRP E 35 1.53 33.63 6.53
C TRP E 35 3.03 33.41 6.64
N TYR E 36 3.46 32.15 6.80
CA TYR E 36 4.89 31.86 6.84
C TYR E 36 5.56 32.21 5.51
N ARG E 37 4.84 32.06 4.40
CA ARG E 37 5.42 32.37 3.11
C ARG E 37 5.53 33.88 2.88
N GLU E 38 4.68 34.66 3.53
CA GLU E 38 4.68 36.11 3.37
C GLU E 38 5.57 36.80 4.40
N PHE E 39 5.44 36.40 5.68
CA PHE E 39 6.25 37.00 6.73
C PHE E 39 7.73 36.66 6.55
N PHE E 40 8.06 35.38 6.61
CA PHE E 40 9.45 34.95 6.50
C PHE E 40 9.94 34.88 5.05
N GLY E 41 9.04 34.90 4.07
CA GLY E 41 9.44 34.69 2.70
C GLY E 41 9.86 33.24 2.47
N CYS E 42 8.94 32.32 2.76
CA CYS E 42 9.26 30.89 2.83
C CYS E 42 9.16 30.25 1.45
N GLU E 43 10.27 29.71 0.99
CA GLU E 43 10.29 28.85 -0.18
C GLU E 43 9.72 27.49 0.21
N GLN E 44 8.64 27.08 -0.47
CA GLN E 44 8.11 25.72 -0.29
C GLN E 44 8.88 24.75 -1.17
N ASN E 45 9.41 23.70 -0.53
CA ASN E 45 10.26 22.70 -1.18
C ASN E 45 9.46 21.47 -1.55
N TRP E 46 8.95 20.74 -0.56
CA TRP E 46 8.17 19.57 -0.87
C TRP E 46 7.00 19.42 0.09
N SER E 47 6.08 18.52 -0.28
CA SER E 47 4.85 18.22 0.44
C SER E 47 4.65 16.71 0.46
N LEU E 48 4.09 16.19 1.56
CA LEU E 48 3.88 14.75 1.71
C LEU E 48 2.54 14.49 2.38
N GLU E 49 1.79 13.50 1.87
CA GLU E 49 0.52 13.08 2.46
C GLU E 49 0.44 11.60 2.89
N LYS E 50 1.45 10.77 2.59
CA LYS E 50 1.45 9.36 2.96
C LYS E 50 2.60 9.03 3.91
N PHE E 51 2.26 8.60 5.13
CA PHE E 51 3.27 8.52 6.17
C PHE E 51 3.62 7.07 6.57
N SER E 52 4.74 6.95 7.28
CA SER E 52 5.18 5.68 7.83
C SER E 52 4.41 5.35 9.10
N ASP E 53 4.61 4.14 9.62
CA ASP E 53 3.98 3.76 10.88
C ASP E 53 4.52 4.61 12.04
N LEU E 54 5.80 4.95 11.99
CA LEU E 54 6.40 5.72 13.08
C LEU E 54 5.82 7.13 13.15
N THR E 55 5.68 7.81 12.01
CA THR E 55 5.14 9.16 12.01
C THR E 55 3.69 9.17 12.47
N ARG E 56 2.87 8.25 11.97
CA ARG E 56 1.50 8.14 12.44
C ARG E 56 1.42 7.74 13.90
N SER E 57 2.48 7.14 14.45
CA SER E 57 2.51 6.80 15.87
C SER E 57 2.77 8.04 16.72
N ARG E 58 3.79 8.83 16.37
CA ARG E 58 4.09 10.04 17.14
C ARG E 58 3.07 11.14 16.88
N LEU E 59 2.49 11.19 15.69
CA LEU E 59 1.54 12.24 15.31
C LEU E 59 0.24 11.58 14.87
N PRO E 60 -0.57 11.09 15.82
CA PRO E 60 -1.83 10.42 15.45
C PRO E 60 -2.81 11.35 14.73
N GLY E 61 -3.06 11.08 13.45
CA GLY E 61 -3.99 11.87 12.67
C GLY E 61 -3.37 12.84 11.70
N ILE E 62 -2.05 12.80 11.48
CA ILE E 62 -1.41 13.73 10.57
C ILE E 62 -1.92 13.48 9.15
N THR E 63 -2.19 14.56 8.42
CA THR E 63 -2.75 14.49 7.07
C THR E 63 -1.81 15.01 6.00
N ARG E 64 -1.09 16.10 6.26
CA ARG E 64 -0.18 16.67 5.27
CA ARG E 64 -0.20 16.68 5.27
C ARG E 64 0.94 17.41 5.98
N LEU E 65 2.16 17.23 5.48
CA LEU E 65 3.35 17.86 6.03
C LEU E 65 4.11 18.53 4.89
N VAL E 66 4.52 19.78 5.12
CA VAL E 66 5.19 20.59 4.11
C VAL E 66 6.49 21.14 4.70
N GLU E 67 7.59 20.97 3.97
CA GLU E 67 8.86 21.55 4.36
C GLU E 67 8.97 22.97 3.80
N LEU E 68 9.32 23.91 4.65
CA LEU E 68 9.52 25.30 4.26
C LEU E 68 10.97 25.69 4.47
N ALA E 69 11.46 26.59 3.62
CA ALA E 69 12.82 27.10 3.71
C ALA E 69 12.78 28.62 3.75
N ALA E 70 13.56 29.21 4.66
CA ALA E 70 13.61 30.66 4.80
C ALA E 70 14.96 31.01 5.41
N GLY E 71 15.88 31.48 4.56
CA GLY E 71 17.20 31.86 5.02
C GLY E 71 18.07 30.65 5.30
N ASP E 72 18.26 30.34 6.58
CA ASP E 72 19.06 29.20 7.00
C ASP E 72 18.24 28.15 7.74
N LEU E 73 16.91 28.28 7.74
CA LEU E 73 16.04 27.47 8.58
C LEU E 73 15.10 26.64 7.71
N ARG E 74 14.90 25.38 8.12
CA ARG E 74 13.90 24.51 7.52
C ARG E 74 12.79 24.27 8.53
N ILE E 75 11.55 24.41 8.10
CA ILE E 75 10.39 24.34 8.98
C ILE E 75 9.42 23.30 8.42
N HIS E 76 9.20 22.22 9.17
CA HIS E 76 8.21 21.20 8.83
C HIS E 76 6.94 21.52 9.59
N VAL E 77 5.96 22.10 8.90
CA VAL E 77 4.68 22.46 9.50
C VAL E 77 3.63 21.46 9.01
N PHE E 78 2.88 20.89 9.95
CA PHE E 78 1.95 19.82 9.64
C PHE E 78 0.63 20.07 10.35
N GLU E 79 -0.39 19.33 9.92
CA GLU E 79 -1.73 19.44 10.47
C GLU E 79 -2.25 18.03 10.78
N ARG E 80 -3.04 17.91 11.85
CA ARG E 80 -3.56 16.62 12.25
C ARG E 80 -5.08 16.55 12.11
N ALA E 81 -5.76 16.04 13.15
CA ALA E 81 -7.19 15.81 13.10
C ALA E 81 -7.94 16.99 13.73
N ALA E 82 -9.02 17.41 13.07
CA ALA E 82 -9.83 18.52 13.56
C ALA E 82 -10.64 18.12 14.78
N PRO E 86 -7.28 24.66 18.89
CA PRO E 86 -7.12 25.20 20.25
C PRO E 86 -5.99 26.22 20.33
N ALA E 87 -5.60 26.58 21.54
CA ALA E 87 -4.53 27.54 21.78
C ALA E 87 -3.42 26.91 22.58
N PRO E 88 -2.16 27.27 22.31
CA PRO E 88 -1.04 26.67 23.05
C PRO E 88 -1.10 26.99 24.54
N VAL E 89 -0.52 26.10 25.34
CA VAL E 89 -0.46 26.27 26.79
C VAL E 89 0.89 26.89 27.13
N ALA E 90 0.87 27.85 28.05
CA ALA E 90 2.08 28.60 28.40
C ALA E 90 2.82 28.00 29.59
N GLU E 91 2.11 27.37 30.53
CA GLU E 91 2.76 26.89 31.75
C GLU E 91 3.46 25.54 31.57
N VAL E 92 3.12 24.76 30.56
CA VAL E 92 3.70 23.42 30.39
C VAL E 92 5.10 23.51 29.80
N PRO E 93 5.94 22.50 30.00
CA PRO E 93 7.24 22.48 29.33
C PRO E 93 7.06 22.41 27.82
N GLN E 94 7.91 23.15 27.10
CA GLN E 94 7.72 23.32 25.67
C GLN E 94 8.97 23.93 25.07
N PHE E 95 9.10 23.78 23.75
CA PHE E 95 9.97 24.65 22.96
C PHE E 95 9.27 26.00 22.86
N GLN E 96 9.62 26.92 23.74
CA GLN E 96 8.77 28.09 23.97
C GLN E 96 8.86 29.09 22.80
N HIS E 97 10.06 29.35 22.29
CA HIS E 97 10.21 30.34 21.25
C HIS E 97 11.38 29.99 20.34
N LEU E 98 11.42 30.65 19.18
CA LEU E 98 12.45 30.45 18.18
C LEU E 98 13.01 31.81 17.80
N CYS E 99 14.34 31.93 17.79
CA CYS E 99 14.99 33.21 17.63
C CYS E 99 15.77 33.27 16.32
N LEU E 100 15.64 34.40 15.63
CA LEU E 100 16.31 34.63 14.35
C LEU E 100 17.15 35.90 14.46
N ALA E 101 18.38 35.84 13.94
CA ALA E 101 19.31 36.94 14.03
C ALA E 101 19.20 37.82 12.79
N THR E 102 18.91 39.11 13.00
CA THR E 102 18.83 40.06 11.90
C THR E 102 20.24 40.46 11.46
N ARG E 103 20.31 41.37 10.48
CA ARG E 103 21.59 41.85 9.98
C ARG E 103 21.83 43.33 10.24
N SER E 104 20.81 44.09 10.63
CA SER E 104 20.97 45.50 10.94
C SER E 104 19.81 45.95 11.80
N PRO E 105 19.99 46.97 12.64
CA PRO E 105 18.87 47.44 13.48
C PRO E 105 17.66 47.88 12.69
N GLU E 106 17.85 48.31 11.44
CA GLU E 106 16.73 48.74 10.62
C GLU E 106 15.80 47.58 10.30
N GLU E 107 16.35 46.38 10.12
CA GLU E 107 15.51 45.21 9.86
C GLU E 107 14.63 44.88 11.06
N MET E 108 15.08 45.20 12.27
CA MET E 108 14.26 44.97 13.45
C MET E 108 12.95 45.75 13.38
N THR E 109 13.03 47.03 12.98
CA THR E 109 11.82 47.83 12.86
C THR E 109 10.95 47.36 11.70
N GLU E 110 11.56 46.88 10.61
CA GLU E 110 10.78 46.44 9.46
C GLU E 110 10.10 45.11 9.74
N TRP E 111 10.77 44.19 10.43
CA TRP E 111 10.13 42.96 10.84
C TRP E 111 8.92 43.24 11.70
N ARG E 112 9.02 44.21 12.60
CA ARG E 112 7.90 44.57 13.45
C ARG E 112 6.78 45.22 12.64
N ASP E 113 7.15 46.07 11.67
CA ASP E 113 6.15 46.68 10.81
C ASP E 113 5.46 45.64 9.94
N ARG E 114 6.25 44.77 9.29
CA ARG E 114 5.67 43.76 8.40
C ARG E 114 4.72 42.84 9.12
N TRP E 115 4.96 42.56 10.41
CA TRP E 115 4.03 41.75 11.18
C TRP E 115 2.70 42.48 11.35
N LEU E 116 2.75 43.80 11.55
CA LEU E 116 1.52 44.56 11.72
C LEU E 116 0.75 44.68 10.41
N GLU E 117 1.44 44.67 9.27
CA GLU E 117 0.76 44.67 7.99
C GLU E 117 -0.06 43.39 7.80
N LEU E 118 0.60 42.24 7.93
CA LEU E 118 -0.06 40.96 7.66
C LEU E 118 -1.20 40.72 8.64
N TYR E 119 -1.08 41.19 9.88
CA TYR E 119 -2.14 40.99 10.86
C TYR E 119 -3.35 41.87 10.54
N GLU E 120 -3.13 43.17 10.36
CA GLU E 120 -4.23 44.09 10.12
C GLU E 120 -4.84 43.93 8.73
N SER E 121 -4.14 43.22 7.82
CA SER E 121 -4.68 43.02 6.49
C SER E 121 -5.91 42.12 6.49
N GLY E 122 -6.13 41.37 7.57
CA GLY E 122 -7.29 40.51 7.69
C GLY E 122 -7.26 39.25 6.86
N ARG E 123 -6.19 39.00 6.11
CA ARG E 123 -6.14 37.82 5.25
C ARG E 123 -5.99 36.54 6.06
N TYR E 124 -5.41 36.62 7.26
CA TYR E 124 -5.08 35.43 8.04
C TYR E 124 -5.80 35.45 9.37
N THR E 125 -5.97 34.26 9.94
CA THR E 125 -6.49 34.10 11.28
C THR E 125 -5.34 33.98 12.28
N PHE E 126 -5.55 34.50 13.48
CA PHE E 126 -4.55 34.48 14.54
C PHE E 126 -5.16 33.88 15.80
N VAL E 127 -4.52 32.86 16.34
CA VAL E 127 -5.00 32.22 17.57
C VAL E 127 -5.03 33.23 18.71
N ARG E 128 -4.03 34.11 18.77
CA ARG E 128 -3.98 35.18 19.76
C ARG E 128 -3.92 36.52 19.05
N ASP E 129 -4.46 37.55 19.70
CA ASP E 129 -4.49 38.90 19.16
C ASP E 129 -3.40 39.79 19.75
N GLU E 130 -2.40 39.20 20.38
CA GLU E 130 -1.30 39.99 20.92
C GLU E 130 -0.46 40.59 19.79
N GLY E 131 -0.11 41.85 19.94
CA GLY E 131 0.71 42.53 18.96
C GLY E 131 2.18 42.35 19.27
N PRO E 132 3.04 42.87 18.40
CA PRO E 132 4.48 42.75 18.64
C PRO E 132 4.92 43.60 19.82
N THR E 133 5.98 43.14 20.49
CA THR E 133 6.57 43.90 21.58
C THR E 133 7.36 45.08 21.02
N ASP E 134 7.89 45.91 21.93
CA ASP E 134 8.79 46.95 21.51
C ASP E 134 10.20 46.39 21.31
N ILE E 135 11.01 47.13 20.57
CA ILE E 135 12.40 46.75 20.33
C ILE E 135 13.22 47.29 21.50
N VAL E 136 13.58 46.40 22.42
CA VAL E 136 14.32 46.79 23.62
C VAL E 136 15.79 46.42 23.45
N VAL E 137 16.65 47.12 24.18
CA VAL E 137 18.09 46.84 24.16
C VAL E 137 18.51 46.36 25.54
N ASP E 138 19.50 45.48 25.55
CA ASP E 138 20.06 45.00 26.80
C ASP E 138 21.30 45.83 27.13
N GLU E 139 22.10 45.38 28.09
CA GLU E 139 23.28 46.13 28.49
C GLU E 139 24.41 46.05 27.47
N ASP E 140 24.29 45.20 26.44
CA ASP E 140 25.36 45.02 25.47
C ASP E 140 25.01 45.59 24.10
N GLY E 141 23.86 46.22 23.94
CA GLY E 141 23.46 46.77 22.66
C GLY E 141 22.67 45.82 21.78
N VAL E 142 22.27 44.67 22.30
CA VAL E 142 21.51 43.69 21.52
C VAL E 142 20.05 44.10 21.52
N LEU E 143 19.44 44.09 20.34
CA LEU E 143 18.03 44.43 20.19
C LEU E 143 17.20 43.15 20.17
N SER E 144 16.01 43.22 20.76
CA SER E 144 15.11 42.09 20.84
C SER E 144 13.69 42.52 20.48
N LEU E 145 12.96 41.62 19.82
CA LEU E 145 11.59 41.86 19.42
C LEU E 145 10.88 40.51 19.36
N TYR E 146 9.64 40.49 19.84
CA TYR E 146 8.87 39.26 19.94
C TYR E 146 7.55 39.40 19.19
N VAL E 147 7.25 38.42 18.34
CA VAL E 147 6.02 38.37 17.57
C VAL E 147 5.45 36.96 17.63
N LEU E 148 4.14 36.86 17.40
CA LEU E 148 3.44 35.59 17.39
C LEU E 148 3.05 35.22 15.96
N ASP E 149 3.13 33.93 15.64
CA ASP E 149 2.67 33.45 14.34
C ASP E 149 1.15 33.27 14.41
N VAL E 150 0.57 32.71 13.34
CA VAL E 150 -0.88 32.53 13.31
C VAL E 150 -1.36 31.51 14.33
N ASN E 151 -0.46 30.70 14.86
CA ASN E 151 -0.82 29.66 15.82
C ASN E 151 -0.57 30.06 17.27
N GLY E 152 -0.17 31.30 17.52
CA GLY E 152 0.15 31.72 18.87
C GLY E 152 1.53 31.34 19.35
N LEU E 153 2.40 30.90 18.45
CA LEU E 153 3.77 30.52 18.81
C LEU E 153 4.68 31.73 18.72
N GLU E 154 5.60 31.85 19.67
CA GLU E 154 6.41 33.04 19.81
C GLU E 154 7.67 32.95 18.95
N TYR E 155 7.91 33.99 18.16
CA TYR E 155 9.14 34.14 17.39
C TYR E 155 9.87 35.38 17.89
N GLU E 156 11.19 35.30 17.97
CA GLU E 156 12.02 36.42 18.39
C GLU E 156 12.96 36.81 17.26
N PHE E 157 13.02 38.10 16.96
CA PHE E 157 14.03 38.67 16.08
C PHE E 157 15.03 39.42 16.94
N THR E 158 16.32 39.21 16.68
CA THR E 158 17.36 39.85 17.47
C THR E 158 18.48 40.34 16.57
N TYR E 159 19.19 41.37 17.04
CA TYR E 159 20.34 41.92 16.35
C TYR E 159 21.49 41.98 17.33
N LEU E 160 22.57 41.28 17.02
CA LEU E 160 23.74 41.26 17.89
C LEU E 160 24.79 42.18 17.31
N PRO E 161 25.19 43.25 17.99
CA PRO E 161 26.36 44.00 17.52
C PRO E 161 27.66 43.27 17.86
N GLU E 162 28.80 43.91 17.58
CA GLU E 162 30.10 43.31 17.85
C GLU E 162 30.26 41.95 17.15
N HIS F 15 21.45 35.59 2.37
CA HIS F 15 20.52 36.47 1.67
C HIS F 15 19.16 36.52 2.36
N ALA F 16 19.19 36.68 3.68
CA ALA F 16 17.98 36.81 4.50
C ALA F 16 18.37 37.03 5.95
N PHE F 17 18.07 36.06 6.81
CA PHE F 17 18.42 36.10 8.22
C PHE F 17 19.14 34.80 8.57
N ARG F 18 19.13 34.44 9.84
CA ARG F 18 19.75 33.19 10.26
C ARG F 18 19.16 32.77 11.60
N PHE F 19 18.98 31.47 11.78
CA PHE F 19 18.46 30.94 13.03
C PHE F 19 19.51 31.08 14.13
N HIS F 20 19.11 31.64 15.27
CA HIS F 20 20.04 31.90 16.36
C HIS F 20 19.98 30.82 17.44
N HIS F 21 18.84 30.65 18.10
CA HIS F 21 18.74 29.68 19.18
C HIS F 21 17.29 29.28 19.36
N ILE F 22 17.09 28.26 20.19
CA ILE F 22 15.77 27.75 20.57
C ILE F 22 15.59 27.92 22.07
N GLY F 23 14.37 28.19 22.49
CA GLY F 23 14.04 28.35 23.89
C GLY F 23 13.34 27.11 24.42
N VAL F 24 13.80 26.63 25.57
CA VAL F 24 13.24 25.45 26.21
C VAL F 24 12.76 25.85 27.60
N GLN F 25 11.47 25.63 27.85
CA GLN F 25 10.86 25.93 29.15
C GLN F 25 10.79 24.64 29.96
N THR F 26 11.38 24.65 31.15
CA THR F 26 11.46 23.48 32.00
C THR F 26 11.00 23.81 33.42
N SER F 27 10.50 22.79 34.11
CA SER F 27 10.12 22.96 35.50
C SER F 27 11.30 22.78 36.44
N ASP F 28 12.31 22.03 36.02
CA ASP F 28 13.52 21.78 36.80
C ASP F 28 14.71 22.17 35.93
N LEU F 29 15.26 23.36 36.18
CA LEU F 29 16.32 23.88 35.32
C LEU F 29 17.58 23.03 35.41
N GLU F 30 18.02 22.70 36.63
CA GLU F 30 19.29 22.00 36.80
C GLU F 30 19.23 20.60 36.21
N ASN F 31 18.08 19.92 36.34
CA ASN F 31 17.94 18.59 35.76
C ASN F 31 18.07 18.66 34.24
N SER F 32 17.36 19.59 33.61
CA SER F 32 17.49 19.76 32.17
C SER F 32 18.90 20.21 31.80
N LEU F 33 19.50 21.08 32.62
CA LEU F 33 20.87 21.49 32.38
C LEU F 33 21.81 20.29 32.35
N GLY F 34 21.85 19.53 33.43
CA GLY F 34 22.76 18.39 33.51
C GLY F 34 22.55 17.38 32.41
N TRP F 35 21.29 17.13 32.03
CA TRP F 35 21.02 16.14 30.99
C TRP F 35 21.41 16.66 29.61
N TYR F 36 21.15 17.94 29.33
CA TYR F 36 21.55 18.51 28.06
C TYR F 36 23.07 18.53 27.91
N ARG F 37 23.79 18.71 29.02
CA ARG F 37 25.26 18.65 28.96
C ARG F 37 25.75 17.23 28.68
N GLU F 38 25.07 16.23 29.26
CA GLU F 38 25.50 14.86 29.10
C GLU F 38 25.11 14.29 27.75
N PHE F 39 23.88 14.57 27.29
CA PHE F 39 23.37 13.94 26.08
C PHE F 39 23.98 14.57 24.82
N PHE F 40 23.72 15.85 24.59
CA PHE F 40 24.22 16.54 23.40
C PHE F 40 25.67 16.99 23.53
N GLY F 41 26.27 16.90 24.72
CA GLY F 41 27.58 17.47 24.91
C GLY F 41 27.54 18.98 24.98
N CYS F 42 26.53 19.55 25.64
CA CYS F 42 26.35 20.99 25.68
C CYS F 42 27.41 21.63 26.57
N GLU F 43 27.80 22.85 26.21
CA GLU F 43 28.71 23.66 27.01
C GLU F 43 27.99 24.93 27.44
N GLN F 44 28.11 25.26 28.73
CA GLN F 44 27.45 26.44 29.28
C GLN F 44 28.20 27.70 28.86
N ASN F 45 27.51 28.63 28.22
CA ASN F 45 28.11 29.88 27.78
C ASN F 45 27.90 31.02 28.78
N TRP F 46 26.70 31.15 29.35
CA TRP F 46 26.45 32.12 30.40
C TRP F 46 25.17 31.76 31.13
N SER F 47 24.97 32.41 32.28
CA SER F 47 23.76 32.31 33.06
C SER F 47 23.24 33.71 33.38
N LEU F 48 21.94 33.81 33.62
CA LEU F 48 21.31 35.12 33.85
C LEU F 48 20.22 34.98 34.89
N GLU F 49 20.30 35.81 35.93
CA GLU F 49 19.29 35.82 36.98
C GLU F 49 18.57 37.15 37.13
N LYS F 50 19.03 38.21 36.46
CA LYS F 50 18.33 39.48 36.41
C LYS F 50 17.76 39.67 35.02
N PHE F 51 16.52 40.14 34.94
CA PHE F 51 15.78 40.15 33.69
C PHE F 51 15.15 41.52 33.46
N SER F 52 14.88 41.80 32.19
CA SER F 52 14.20 43.02 31.77
C SER F 52 12.71 42.92 32.10
N ASP F 53 12.03 44.06 31.98
CA ASP F 53 10.58 44.08 32.16
C ASP F 53 9.88 43.27 31.08
N LEU F 54 10.45 43.22 29.86
CA LEU F 54 9.81 42.51 28.77
C LEU F 54 9.85 41.00 28.98
N THR F 55 10.98 40.47 29.45
CA THR F 55 11.11 39.04 29.67
C THR F 55 10.15 38.56 30.76
N ARG F 56 10.06 39.31 31.87
CA ARG F 56 9.14 38.95 32.93
C ARG F 56 7.68 39.11 32.52
N SER F 57 7.40 39.77 31.40
CA SER F 57 6.03 39.84 30.89
C SER F 57 5.71 38.64 29.99
N ARG F 58 6.64 38.26 29.11
CA ARG F 58 6.44 37.07 28.30
C ARG F 58 6.49 35.81 29.15
N LEU F 59 7.49 35.71 30.03
CA LEU F 59 7.72 34.53 30.87
C LEU F 59 7.64 34.95 32.33
N PRO F 60 6.43 35.16 32.85
CA PRO F 60 6.29 35.61 34.23
C PRO F 60 6.81 34.59 35.22
N GLY F 61 7.54 35.06 36.23
CA GLY F 61 8.11 34.20 37.23
C GLY F 61 9.42 33.53 36.84
N ILE F 62 10.04 33.96 35.75
CA ILE F 62 11.31 33.36 35.33
C ILE F 62 12.36 33.63 36.39
N THR F 63 13.05 32.57 36.81
CA THR F 63 14.05 32.68 37.86
C THR F 63 15.48 32.67 37.35
N ARG F 64 15.75 31.97 36.25
CA ARG F 64 17.11 31.82 35.75
C ARG F 64 17.07 31.36 34.30
N LEU F 65 18.00 31.88 33.50
CA LEU F 65 18.10 31.54 32.08
C LEU F 65 19.55 31.22 31.74
N VAL F 66 19.76 30.10 31.05
CA VAL F 66 21.08 29.61 30.72
C VAL F 66 21.14 29.31 29.24
N GLU F 67 22.20 29.76 28.57
CA GLU F 67 22.45 29.45 27.17
C GLU F 67 23.44 28.30 27.08
N LEU F 68 23.06 27.24 26.36
CA LEU F 68 23.93 26.11 26.11
C LEU F 68 24.28 26.06 24.62
N ALA F 69 25.38 25.38 24.32
CA ALA F 69 25.87 25.28 22.95
C ALA F 69 26.27 23.83 22.68
N ALA F 70 25.76 23.28 21.58
CA ALA F 70 26.15 21.95 21.13
C ALA F 70 26.07 21.95 19.61
N GLY F 71 27.24 21.97 18.96
CA GLY F 71 27.25 22.13 17.52
C GLY F 71 26.91 23.56 17.13
N ASP F 72 26.26 23.69 15.97
CA ASP F 72 25.77 24.98 15.53
C ASP F 72 24.50 25.41 16.26
N LEU F 73 24.02 24.60 17.21
CA LEU F 73 22.75 24.84 17.89
C LEU F 73 22.99 25.52 19.22
N ARG F 74 22.20 26.55 19.49
CA ARG F 74 22.20 27.22 20.79
C ARG F 74 20.86 26.99 21.46
N ILE F 75 20.88 26.68 22.75
CA ILE F 75 19.68 26.33 23.49
C ILE F 75 19.59 27.23 24.72
N HIS F 76 18.52 28.01 24.81
CA HIS F 76 18.27 28.88 25.95
C HIS F 76 17.20 28.20 26.80
N VAL F 77 17.63 27.45 27.81
CA VAL F 77 16.72 26.71 28.69
C VAL F 77 16.53 27.53 29.96
N PHE F 78 15.27 27.73 30.35
CA PHE F 78 14.94 28.56 31.51
C PHE F 78 13.84 27.90 32.31
N GLU F 79 13.70 28.35 33.55
CA GLU F 79 12.68 27.84 34.46
C GLU F 79 11.88 29.00 35.02
N ARG F 80 10.58 28.79 35.18
CA ARG F 80 9.67 29.80 35.73
C ARG F 80 9.43 29.48 37.21
N ALA F 81 8.20 29.37 37.70
CA ALA F 81 7.96 29.14 39.12
C ALA F 81 6.57 28.55 39.36
N ALA F 82 6.15 27.61 38.52
CA ALA F 82 4.89 26.92 38.73
C ALA F 82 5.05 25.90 39.85
N ASP F 83 4.10 25.88 40.78
CA ASP F 83 4.19 24.97 41.92
C ASP F 83 4.11 23.51 41.47
N ALA F 84 2.99 23.12 40.87
CA ALA F 84 2.85 21.79 40.32
C ALA F 84 3.49 21.71 38.94
N THR F 85 3.95 20.51 38.59
CA THR F 85 4.68 20.30 37.34
C THR F 85 3.80 19.57 36.33
N PRO F 86 3.43 20.20 35.21
CA PRO F 86 2.61 19.51 34.21
C PRO F 86 3.44 18.85 33.13
N ALA F 87 2.78 18.14 32.21
CA ALA F 87 3.40 17.49 31.07
C ALA F 87 2.99 18.20 29.78
N PRO F 88 3.88 18.25 28.78
CA PRO F 88 3.54 18.95 27.53
C PRO F 88 2.29 18.38 26.89
N VAL F 89 1.48 19.28 26.32
CA VAL F 89 0.20 18.94 25.72
C VAL F 89 0.39 18.68 24.23
N ALA F 90 -0.17 17.57 23.73
CA ALA F 90 0.00 17.19 22.34
C ALA F 90 -1.08 17.75 21.43
N GLU F 91 -2.19 18.23 21.98
CA GLU F 91 -3.29 18.69 21.14
C GLU F 91 -3.05 20.09 20.58
N VAL F 92 -2.41 20.95 21.35
CA VAL F 92 -2.34 22.38 21.05
C VAL F 92 -1.28 22.66 19.98
N PRO F 93 -1.39 23.78 19.26
CA PRO F 93 -0.30 24.17 18.35
C PRO F 93 0.98 24.40 19.12
N GLN F 94 2.10 23.98 18.53
CA GLN F 94 3.35 23.97 19.26
C GLN F 94 4.50 23.76 18.29
N PHE F 95 5.69 24.15 18.73
CA PHE F 95 6.93 23.66 18.10
C PHE F 95 7.09 22.21 18.52
N GLN F 96 6.64 21.30 17.66
CA GLN F 96 6.39 19.92 18.08
C GLN F 96 7.69 19.19 18.40
N HIS F 97 8.73 19.42 17.62
CA HIS F 97 9.99 18.70 17.82
C HIS F 97 11.11 19.42 17.11
N LEU F 98 12.35 19.03 17.45
CA LEU F 98 13.56 19.59 16.87
C LEU F 98 14.38 18.44 16.29
N CYS F 99 14.89 18.63 15.07
CA CYS F 99 15.63 17.60 14.38
C CYS F 99 17.11 17.97 14.25
N LEU F 100 17.97 16.98 14.44
CA LEU F 100 19.41 17.14 14.30
C LEU F 100 19.93 16.14 13.29
N ALA F 101 20.88 16.57 12.46
CA ALA F 101 21.44 15.76 11.39
C ALA F 101 22.76 15.15 11.86
N THR F 102 22.78 13.83 12.03
CA THR F 102 24.00 13.14 12.42
C THR F 102 24.95 13.01 11.23
N ARG F 103 26.10 12.38 11.47
CA ARG F 103 27.12 12.24 10.44
C ARG F 103 27.25 10.83 9.88
N SER F 104 26.87 9.80 10.63
CA SER F 104 27.07 8.42 10.20
C SER F 104 25.91 7.58 10.70
N PRO F 105 25.67 6.42 10.08
CA PRO F 105 24.63 5.52 10.62
C PRO F 105 24.98 4.96 11.99
N GLU F 106 26.26 4.74 12.28
CA GLU F 106 26.65 4.25 13.60
C GLU F 106 26.42 5.29 14.67
N GLU F 107 26.49 6.58 14.32
CA GLU F 107 26.17 7.63 15.28
C GLU F 107 24.71 7.53 15.72
N MET F 108 23.81 7.24 14.78
CA MET F 108 22.40 7.07 15.13
C MET F 108 22.22 5.99 16.19
N THR F 109 23.00 4.90 16.08
CA THR F 109 22.87 3.82 17.05
C THR F 109 23.32 4.27 18.44
N GLU F 110 24.45 4.99 18.53
CA GLU F 110 24.96 5.38 19.83
C GLU F 110 24.16 6.51 20.46
N TRP F 111 23.50 7.35 19.66
CA TRP F 111 22.53 8.28 20.22
C TRP F 111 21.44 7.54 20.97
N ARG F 112 20.86 6.52 20.32
CA ARG F 112 19.85 5.69 20.98
C ARG F 112 20.45 4.96 22.17
N ASP F 113 21.71 4.53 22.06
CA ASP F 113 22.36 3.87 23.19
C ASP F 113 22.66 4.85 24.31
N ARG F 114 23.11 6.06 23.96
CA ARG F 114 23.41 7.06 24.99
C ARG F 114 22.15 7.50 25.71
N TRP F 115 21.03 7.62 24.98
CA TRP F 115 19.78 8.00 25.63
C TRP F 115 19.34 6.94 26.63
N LEU F 116 19.36 5.67 26.21
CA LEU F 116 19.00 4.59 27.14
C LEU F 116 19.98 4.52 28.30
N GLU F 117 21.23 4.91 28.07
CA GLU F 117 22.22 4.92 29.15
C GLU F 117 21.86 5.95 30.22
N LEU F 118 21.61 7.19 29.80
CA LEU F 118 21.30 8.25 30.75
C LEU F 118 19.93 8.06 31.39
N TYR F 119 18.99 7.43 30.67
CA TYR F 119 17.65 7.25 31.23
C TYR F 119 17.66 6.21 32.35
N GLU F 120 18.45 5.15 32.20
CA GLU F 120 18.52 4.08 33.18
C GLU F 120 19.51 4.34 34.31
N SER F 121 20.13 5.53 34.33
CA SER F 121 21.07 5.85 35.39
C SER F 121 20.39 6.26 36.69
N GLY F 122 19.12 6.65 36.63
CA GLY F 122 18.44 7.13 37.81
C GLY F 122 18.89 8.49 38.30
N ARG F 123 19.73 9.18 37.53
CA ARG F 123 20.27 10.48 37.92
C ARG F 123 19.48 11.66 37.38
N TYR F 124 18.56 11.42 36.45
CA TYR F 124 17.74 12.48 35.87
C TYR F 124 16.28 12.08 35.95
N THR F 125 15.44 13.01 36.40
CA THR F 125 14.00 12.78 36.41
C THR F 125 13.43 13.07 35.02
N PHE F 126 12.43 12.29 34.62
CA PHE F 126 11.86 12.37 33.29
C PHE F 126 10.36 12.60 33.39
N VAL F 127 9.85 13.54 32.58
CA VAL F 127 8.42 13.80 32.56
C VAL F 127 7.67 12.58 32.05
N ARG F 128 8.17 11.97 30.96
CA ARG F 128 7.58 10.78 30.38
C ARG F 128 8.58 9.63 30.42
N ASP F 129 8.06 8.42 30.44
CA ASP F 129 8.89 7.22 30.52
C ASP F 129 9.02 6.51 29.18
N GLU F 130 8.66 7.17 28.09
CA GLU F 130 8.69 6.56 26.76
C GLU F 130 10.13 6.47 26.27
N GLY F 131 10.59 5.25 25.96
CA GLY F 131 11.91 5.06 25.44
C GLY F 131 12.02 5.52 24.01
N PRO F 132 13.23 5.42 23.47
CA PRO F 132 13.45 5.86 22.08
C PRO F 132 12.77 4.92 21.09
N THR F 133 12.52 5.44 19.90
CA THR F 133 11.96 4.65 18.83
C THR F 133 13.02 3.74 18.22
N ASP F 134 12.59 2.89 17.30
CA ASP F 134 13.54 2.17 16.47
C ASP F 134 14.08 3.10 15.38
N ILE F 135 15.15 2.67 14.73
CA ILE F 135 15.73 3.43 13.63
C ILE F 135 15.07 2.97 12.34
N VAL F 136 14.51 3.92 11.59
CA VAL F 136 13.68 3.62 10.43
C VAL F 136 14.36 4.18 9.19
N VAL F 137 14.33 3.40 8.10
CA VAL F 137 14.83 3.82 6.79
C VAL F 137 13.63 4.15 5.90
N ASP F 138 13.66 5.32 5.29
CA ASP F 138 12.64 5.68 4.31
C ASP F 138 13.08 5.17 2.94
N GLU F 139 12.38 5.60 1.88
CA GLU F 139 12.67 5.06 0.55
C GLU F 139 14.04 5.49 0.04
N ASP F 140 14.54 6.63 0.50
CA ASP F 140 15.81 7.15 0.00
C ASP F 140 16.98 6.85 0.93
N GLY F 141 16.80 5.95 1.89
CA GLY F 141 17.87 5.60 2.80
C GLY F 141 18.11 6.59 3.92
N VAL F 142 17.11 7.40 4.25
CA VAL F 142 17.23 8.38 5.34
C VAL F 142 16.87 7.69 6.64
N LEU F 143 17.80 7.69 7.59
CA LEU F 143 17.55 7.14 8.91
C LEU F 143 16.87 8.17 9.79
N SER F 144 16.03 7.67 10.71
CA SER F 144 15.32 8.53 11.63
C SER F 144 15.23 7.88 13.00
N LEU F 145 15.24 8.71 14.04
CA LEU F 145 15.18 8.25 15.43
C LEU F 145 14.59 9.39 16.26
N TYR F 146 13.71 9.04 17.18
CA TYR F 146 13.02 10.02 18.01
C TYR F 146 13.21 9.67 19.48
N VAL F 147 13.60 10.68 20.27
CA VAL F 147 13.76 10.54 21.72
C VAL F 147 13.06 11.71 22.39
N LEU F 148 12.81 11.55 23.69
CA LEU F 148 12.22 12.58 24.52
C LEU F 148 13.23 13.03 25.56
N ASP F 149 13.36 14.35 25.74
CA ASP F 149 14.24 14.88 26.77
C ASP F 149 13.57 14.76 28.13
N VAL F 150 14.25 15.27 29.17
CA VAL F 150 13.72 15.17 30.53
C VAL F 150 12.44 15.97 30.73
N ASN F 151 12.09 16.84 29.78
CA ASN F 151 10.85 17.61 29.84
C ASN F 151 9.72 16.98 29.05
N GLY F 152 9.98 15.86 28.38
CA GLY F 152 8.99 15.28 27.49
C GLY F 152 8.97 15.86 26.09
N LEU F 153 9.94 16.71 25.76
CA LEU F 153 10.01 17.33 24.44
C LEU F 153 10.74 16.41 23.48
N GLU F 154 10.25 16.36 22.24
CA GLU F 154 10.70 15.38 21.27
C GLU F 154 11.87 15.91 20.46
N TYR F 155 12.96 15.15 20.42
CA TYR F 155 14.10 15.42 19.57
C TYR F 155 14.21 14.33 18.50
N GLU F 156 14.56 14.74 17.29
CA GLU F 156 14.71 13.81 16.17
C GLU F 156 16.15 13.80 15.70
N PHE F 157 16.71 12.60 15.53
CA PHE F 157 18.01 12.41 14.92
C PHE F 157 17.82 11.79 13.54
N THR F 158 18.46 12.37 12.54
CA THR F 158 18.33 11.91 11.17
C THR F 158 19.70 11.74 10.55
N TYR F 159 19.74 10.92 9.50
CA TYR F 159 20.96 10.70 8.72
C TYR F 159 20.60 10.67 7.25
N LEU F 160 21.03 11.69 6.51
CA LEU F 160 20.78 11.77 5.08
C LEU F 160 22.03 11.37 4.32
N PRO F 161 22.00 10.29 3.53
CA PRO F 161 23.14 9.98 2.66
C PRO F 161 23.25 10.98 1.50
N GLU F 162 23.91 10.57 0.42
CA GLU F 162 24.09 11.40 -0.77
C GLU F 162 24.92 12.66 -0.47
#